data_2E26
#
_entry.id   2E26
#
_cell.length_a   61.008
_cell.length_b   70.953
_cell.length_c   94.769
_cell.angle_alpha   90.00
_cell.angle_beta   93.61
_cell.angle_gamma   90.00
#
_symmetry.space_group_name_H-M   'P 1 21 1'
#
loop_
_entity.id
_entity.type
_entity.pdbx_description
1 polymer Reelin
2 branched 2-acetamido-2-deoxy-beta-D-glucopyranose-(1-4)-2-acetamido-2-deoxy-beta-D-glucopyranose
3 branched beta-D-mannopyranose-(1-4)-2-acetamido-2-deoxy-beta-D-glucopyranose-(1-4)-2-acetamido-2-deoxy-beta-D-glucopyranose
4 non-polymer 2-acetamido-2-deoxy-beta-D-glucopyranose
5 non-polymer 'CALCIUM ION'
6 non-polymer 'ZINC ION'
7 non-polymer 'ACETATE ION'
8 water water
#
_entity_poly.entity_id   1
_entity_poly.type   'polypeptide(L)'
_entity_poly.pdbx_seq_one_letter_code
;GRDGNNLNNPVLLLDTFDFGPREDNWFFYPGGNIGLYCPYSSKGAPEEDSAMVFVSNEVGEHSITTRDLSVNENTIIQFE
INVGCSTDSSSADPVRLEFSRDFGATWHLLLPLCYHSSSLVSSLCSTEHHPSSTYYAGTTQGWRREVVHFGKLHLCGSVR
FRWYQGFYPAGSQPVTWAIDNVYIGPQCEEMCYGHGSCINGTKCICDPGYSGPTCKISTKNPDFLKDDFEGQLESDRFLL
MSGGKPSRKCGILSSGNNLFFNEDGLRMLVTRDLDLSHARFVQFFMRLGCGKGVPDPRSQPVLLQYSLNGGLSWSLLQEF
LFSNSSNVGRYIALEMPLKARSGSTRLRWWQPSENGHFYSPWVIDQILIGGNISGNTVLEDDFSTLDSRKWLLHPGGTKM
PVCGSTGDALVFIEKASTRYVVTTDIAVNEDSFLQIDFAASCSVTDSCYAIELEYSVDLGLSWHPLVRDCLPTNVECSRY
HLQRILVSDTFNKWTRITLPLPSYTRSQATRFRWHQPAPFDKQQTWAIDNVYIGDGCLDMCSGHGRCVQGSCVCDEQWGG
LYCDEPETSLPTQLKDNFNRAPSNQNWLTVSGGKLSTVCGAVASGLALHFSGGCSRLLVTVDLNLTNAEFIQFYFMYGCL
ITPSNRNQGVLLEYSVNGGITWNLLMEIFYDQYSKPGFVNILLPPDAKEIATRFRWWQPRHDGLDQNDWAIDNVLISRLE
NLYFQ
;
_entity_poly.pdbx_strand_id   A
#
# COMPACT_ATOMS: atom_id res chain seq x y z
N VAL A 11 -19.64 -42.50 -16.40
CA VAL A 11 -19.96 -42.02 -15.02
C VAL A 11 -19.84 -43.18 -14.05
N LEU A 12 -18.97 -43.00 -13.07
CA LEU A 12 -18.64 -44.09 -12.18
C LEU A 12 -19.45 -44.00 -10.90
N LEU A 13 -19.60 -42.78 -10.39
CA LEU A 13 -20.27 -42.57 -9.11
C LEU A 13 -20.85 -41.17 -9.00
N LEU A 14 -22.11 -41.11 -8.59
CA LEU A 14 -22.76 -39.83 -8.30
C LEU A 14 -23.67 -40.00 -7.10
N ASP A 15 -23.50 -39.13 -6.11
CA ASP A 15 -24.38 -39.13 -4.96
C ASP A 15 -24.62 -37.73 -4.42
N THR A 16 -25.89 -37.31 -4.44
CA THR A 16 -26.30 -36.03 -3.86
C THR A 16 -26.85 -36.25 -2.44
N PHE A 17 -26.99 -37.53 -2.05
CA PHE A 17 -27.52 -37.92 -0.72
C PHE A 17 -28.90 -37.33 -0.44
N ASP A 18 -29.58 -36.88 -1.48
CA ASP A 18 -30.82 -36.12 -1.32
C ASP A 18 -32.00 -37.02 -1.10
N PHE A 19 -31.84 -38.28 -1.50
CA PHE A 19 -32.75 -39.34 -1.12
C PHE A 19 -32.20 -39.88 0.21
N GLY A 20 -31.62 -41.07 0.17
CA GLY A 20 -30.63 -41.50 1.15
C GLY A 20 -29.38 -41.67 0.32
N PRO A 21 -28.40 -42.48 0.81
CA PRO A 21 -27.29 -42.74 -0.11
C PRO A 21 -27.74 -43.74 -1.15
N ARG A 22 -27.13 -43.68 -2.33
CA ARG A 22 -27.35 -44.67 -3.36
C ARG A 22 -26.58 -45.92 -2.93
N GLU A 23 -27.31 -46.99 -2.64
CA GLU A 23 -26.74 -48.21 -2.04
C GLU A 23 -25.51 -48.79 -2.77
N ASP A 24 -25.57 -48.85 -4.09
CA ASP A 24 -24.50 -49.45 -4.89
C ASP A 24 -23.20 -48.63 -4.92
N ASN A 25 -23.28 -47.34 -4.58
CA ASN A 25 -22.11 -46.44 -4.62
C ASN A 25 -21.06 -46.77 -3.58
N TRP A 26 -21.54 -47.16 -2.40
CA TRP A 26 -20.72 -47.22 -1.20
C TRP A 26 -20.59 -48.61 -0.64
N PHE A 27 -19.37 -48.99 -0.29
CA PHE A 27 -19.14 -50.24 0.40
C PHE A 27 -19.36 -50.08 1.90
N PHE A 28 -18.84 -49.01 2.49
CA PHE A 28 -18.96 -48.77 3.92
C PHE A 28 -19.14 -47.29 4.19
N TYR A 29 -19.86 -46.98 5.29
CA TYR A 29 -19.83 -45.64 5.87
C TYR A 29 -20.01 -45.62 7.39
N PRO A 30 -19.06 -46.24 8.13
CA PRO A 30 -19.17 -46.26 9.58
C PRO A 30 -19.18 -44.84 10.13
N GLY A 31 -20.10 -44.56 11.06
CA GLY A 31 -20.19 -43.26 11.70
C GLY A 31 -20.98 -42.23 10.91
N GLY A 32 -21.39 -42.61 9.70
CA GLY A 32 -22.08 -41.71 8.78
C GLY A 32 -23.59 -41.89 8.80
N ASN A 33 -24.30 -40.76 8.87
CA ASN A 33 -25.76 -40.77 8.84
C ASN A 33 -26.21 -39.60 7.99
N ILE A 34 -27.22 -39.85 7.15
CA ILE A 34 -27.82 -38.80 6.34
C ILE A 34 -28.46 -37.75 7.27
N GLY A 35 -28.16 -36.48 7.02
CA GLY A 35 -28.71 -35.37 7.77
C GLY A 35 -28.22 -34.06 7.21
N LEU A 36 -28.46 -32.98 7.96
CA LEU A 36 -27.98 -31.66 7.58
C LEU A 36 -26.81 -31.27 8.48
N TYR A 37 -25.84 -30.61 7.88
CA TYR A 37 -24.71 -30.09 8.63
C TYR A 37 -24.34 -28.72 8.11
N CYS A 38 -24.33 -27.74 9.00
CA CYS A 38 -23.88 -26.40 8.66
C CYS A 38 -24.53 -25.87 7.36
N PRO A 39 -25.89 -25.88 7.29
CA PRO A 39 -26.51 -25.48 6.02
C PRO A 39 -26.70 -23.98 5.74
N TYR A 40 -26.56 -23.11 6.75
CA TYR A 40 -27.12 -21.75 6.65
C TYR A 40 -26.31 -20.69 5.91
N SER A 41 -25.05 -21.03 5.66
CA SER A 41 -24.16 -20.27 4.78
C SER A 41 -24.36 -20.70 3.32
N SER A 42 -24.76 -21.96 3.15
CA SER A 42 -24.67 -22.65 1.85
C SER A 42 -25.58 -22.00 0.82
N LYS A 43 -25.05 -21.83 -0.39
CA LYS A 43 -25.72 -21.13 -1.47
C LYS A 43 -26.64 -22.07 -2.24
N GLY A 44 -26.38 -23.36 -2.11
CA GLY A 44 -27.21 -24.41 -2.70
C GLY A 44 -28.66 -24.34 -2.23
N ALA A 45 -29.54 -25.02 -2.96
CA ALA A 45 -30.96 -25.11 -2.62
C ALA A 45 -31.12 -25.81 -1.27
N PRO A 46 -32.25 -25.56 -0.57
CA PRO A 46 -32.44 -26.17 0.74
C PRO A 46 -32.62 -27.69 0.63
N GLU A 47 -33.36 -28.12 -0.39
CA GLU A 47 -33.62 -29.54 -0.66
C GLU A 47 -32.34 -30.32 -0.91
N GLU A 48 -31.30 -29.60 -1.32
CA GLU A 48 -30.01 -30.18 -1.60
C GLU A 48 -29.12 -30.32 -0.35
N ASP A 49 -29.54 -29.72 0.76
CA ASP A 49 -28.70 -29.68 1.99
C ASP A 49 -28.47 -31.06 2.62
N SER A 50 -29.36 -32.00 2.34
CA SER A 50 -29.17 -33.37 2.80
C SER A 50 -27.80 -33.92 2.38
N ALA A 51 -27.04 -34.41 3.36
CA ALA A 51 -25.64 -34.79 3.19
C ALA A 51 -25.29 -35.99 4.07
N MET A 52 -24.10 -36.56 3.86
CA MET A 52 -23.63 -37.62 4.73
C MET A 52 -22.82 -36.97 5.86
N VAL A 53 -23.35 -37.07 7.08
CA VAL A 53 -22.81 -36.38 8.25
C VAL A 53 -22.14 -37.40 9.18
N PHE A 54 -20.99 -37.01 9.75
CA PHE A 54 -20.21 -37.85 10.65
C PHE A 54 -20.05 -37.11 11.97
N VAL A 55 -21.04 -37.30 12.85
CA VAL A 55 -21.11 -36.54 14.09
C VAL A 55 -20.10 -37.07 15.12
N SER A 56 -19.59 -36.14 15.92
CA SER A 56 -18.48 -36.36 16.85
C SER A 56 -18.65 -37.60 17.74
N ASN A 57 -19.87 -37.81 18.24
CA ASN A 57 -20.15 -38.84 19.24
C ASN A 57 -20.28 -40.29 18.73
N GLU A 58 -20.26 -40.49 17.41
CA GLU A 58 -20.36 -41.86 16.88
C GLU A 58 -19.15 -42.66 17.33
N VAL A 59 -19.41 -43.86 17.84
CA VAL A 59 -18.34 -44.72 18.32
C VAL A 59 -17.79 -45.54 17.17
N GLY A 60 -16.47 -45.66 17.11
CA GLY A 60 -15.81 -46.49 16.12
C GLY A 60 -15.24 -45.70 14.97
N GLU A 61 -15.22 -46.31 13.79
CA GLU A 61 -14.66 -45.65 12.62
C GLU A 61 -15.58 -44.53 12.12
N HIS A 62 -14.95 -43.43 11.72
CA HIS A 62 -15.61 -42.35 10.98
C HIS A 62 -14.99 -42.30 9.56
N SER A 63 -15.72 -42.82 8.58
CA SER A 63 -15.23 -42.85 7.20
C SER A 63 -16.33 -43.28 6.24
N ILE A 64 -16.08 -43.07 4.95
CA ILE A 64 -16.98 -43.54 3.90
C ILE A 64 -16.17 -44.03 2.68
N THR A 65 -16.43 -45.27 2.26
CA THR A 65 -15.64 -45.93 1.22
C THR A 65 -16.50 -46.33 0.01
N THR A 66 -16.01 -46.02 -1.18
CA THR A 66 -16.67 -46.38 -2.43
C THR A 66 -16.53 -47.86 -2.77
N ARG A 67 -17.37 -48.30 -3.69
CA ARG A 67 -17.17 -49.57 -4.39
C ARG A 67 -15.89 -49.45 -5.23
N ASP A 68 -15.46 -50.56 -5.83
CA ASP A 68 -14.32 -50.52 -6.72
C ASP A 68 -14.74 -49.91 -8.06
N LEU A 69 -13.95 -48.98 -8.55
CA LEU A 69 -14.27 -48.21 -9.74
C LEU A 69 -13.13 -48.28 -10.73
N SER A 70 -13.44 -48.21 -12.02
CA SER A 70 -12.43 -48.16 -13.08
C SER A 70 -12.13 -46.71 -13.47
N VAL A 71 -10.90 -46.29 -13.22
CA VAL A 71 -10.50 -44.89 -13.44
C VAL A 71 -9.41 -44.76 -14.51
N ASN A 72 -9.20 -43.55 -15.01
CA ASN A 72 -8.17 -43.26 -16.03
C ASN A 72 -7.60 -41.86 -15.86
N GLU A 73 -6.78 -41.40 -16.81
CA GLU A 73 -6.15 -40.07 -16.70
C GLU A 73 -7.14 -38.90 -16.74
N ASN A 74 -8.32 -39.12 -17.30
CA ASN A 74 -9.37 -38.10 -17.40
C ASN A 74 -10.40 -38.10 -16.26
N THR A 75 -10.22 -39.00 -15.29
CA THR A 75 -11.11 -39.10 -14.14
C THR A 75 -10.89 -37.94 -13.18
N ILE A 76 -11.99 -37.45 -12.60
CA ILE A 76 -11.94 -36.48 -11.51
C ILE A 76 -12.69 -37.03 -10.29
N ILE A 77 -12.31 -36.54 -9.12
CA ILE A 77 -13.16 -36.68 -7.95
C ILE A 77 -13.54 -35.29 -7.52
N GLN A 78 -14.84 -35.08 -7.42
CA GLN A 78 -15.39 -33.78 -7.13
C GLN A 78 -16.43 -33.96 -6.03
N PHE A 79 -16.41 -33.07 -5.05
CA PHE A 79 -17.25 -33.18 -3.87
C PHE A 79 -17.28 -31.86 -3.14
N GLU A 80 -18.27 -31.73 -2.24
CA GLU A 80 -18.33 -30.62 -1.31
C GLU A 80 -18.13 -31.15 0.10
N ILE A 81 -17.46 -30.36 0.94
CA ILE A 81 -17.09 -30.80 2.28
C ILE A 81 -17.20 -29.66 3.27
N ASN A 82 -17.56 -30.02 4.50
CA ASN A 82 -17.48 -29.09 5.61
C ASN A 82 -16.94 -29.85 6.81
N VAL A 83 -15.80 -29.41 7.33
CA VAL A 83 -15.22 -30.02 8.51
C VAL A 83 -15.27 -29.03 9.66
N GLY A 84 -16.19 -29.22 10.60
CA GLY A 84 -16.20 -28.43 11.81
C GLY A 84 -17.13 -27.22 11.91
N CYS A 85 -17.65 -26.74 10.76
CA CYS A 85 -18.55 -25.57 10.73
C CYS A 85 -18.07 -24.43 11.64
N SER A 86 -16.80 -24.03 11.47
CA SER A 86 -16.19 -23.00 12.33
C SER A 86 -14.88 -22.46 11.75
N THR A 87 -14.32 -21.47 12.42
CA THR A 87 -12.99 -20.96 12.07
C THR A 87 -11.98 -21.27 13.18
N ASP A 88 -12.37 -22.15 14.11
CA ASP A 88 -11.46 -22.66 15.13
C ASP A 88 -10.52 -23.68 14.46
N SER A 89 -9.39 -23.21 13.94
CA SER A 89 -8.44 -24.05 13.19
CA SER A 89 -8.45 -24.06 13.19
C SER A 89 -7.76 -25.10 14.08
N SER A 90 -7.68 -26.34 13.58
CA SER A 90 -7.05 -27.43 14.31
C SER A 90 -6.45 -28.47 13.37
N SER A 91 -5.35 -29.08 13.79
CA SER A 91 -4.76 -30.20 13.05
C SER A 91 -5.36 -31.54 13.48
N ALA A 92 -6.23 -31.53 14.48
CA ALA A 92 -6.76 -32.79 15.02
C ALA A 92 -7.87 -33.33 14.13
N ASP A 93 -7.77 -34.64 13.83
CA ASP A 93 -8.86 -35.40 13.20
C ASP A 93 -9.34 -34.81 11.88
N PRO A 94 -8.41 -34.50 10.96
CA PRO A 94 -8.86 -34.00 9.67
C PRO A 94 -9.42 -35.13 8.82
N VAL A 95 -10.12 -34.77 7.74
CA VAL A 95 -10.62 -35.76 6.81
C VAL A 95 -9.59 -35.98 5.71
N ARG A 96 -9.15 -37.23 5.50
CA ARG A 96 -8.20 -37.54 4.42
C ARG A 96 -8.93 -38.21 3.27
N LEU A 97 -8.73 -37.71 2.05
CA LEU A 97 -9.20 -38.42 0.86
C LEU A 97 -8.07 -39.31 0.33
N GLU A 98 -8.36 -40.61 0.27
CA GLU A 98 -7.39 -41.66 0.03
C GLU A 98 -7.86 -42.64 -1.04
N PHE A 99 -6.94 -43.40 -1.63
CA PHE A 99 -7.29 -44.45 -2.59
C PHE A 99 -6.58 -45.75 -2.24
N SER A 100 -7.12 -46.86 -2.72
CA SER A 100 -6.50 -48.15 -2.51
C SER A 100 -6.51 -48.94 -3.81
N ARG A 101 -5.38 -49.59 -4.10
CA ARG A 101 -5.22 -50.41 -5.28
C ARG A 101 -5.27 -51.91 -4.94
N ASP A 102 -5.53 -52.24 -3.69
CA ASP A 102 -5.58 -53.64 -3.28
C ASP A 102 -6.87 -53.98 -2.51
N PHE A 103 -7.99 -53.44 -2.99
CA PHE A 103 -9.31 -53.70 -2.39
C PHE A 103 -9.37 -53.34 -0.91
N GLY A 104 -8.68 -52.26 -0.53
CA GLY A 104 -8.75 -51.76 0.84
C GLY A 104 -7.76 -52.31 1.85
N ALA A 105 -6.84 -53.18 1.43
CA ALA A 105 -5.75 -53.59 2.30
C ALA A 105 -4.88 -52.39 2.70
N THR A 106 -4.53 -51.56 1.72
CA THR A 106 -3.68 -50.40 1.97
C THR A 106 -4.25 -49.14 1.34
N TRP A 107 -3.92 -47.98 1.92
CA TRP A 107 -4.51 -46.70 1.54
C TRP A 107 -3.44 -45.62 1.46
N HIS A 108 -3.59 -44.71 0.50
CA HIS A 108 -2.67 -43.58 0.33
C HIS A 108 -3.45 -42.33 -0.02
N LEU A 109 -2.95 -41.17 0.40
CA LEU A 109 -3.57 -39.89 0.06
C LEU A 109 -3.72 -39.80 -1.44
N LEU A 110 -4.87 -39.36 -1.92
CA LEU A 110 -5.07 -39.22 -3.35
C LEU A 110 -4.15 -38.12 -3.95
N LEU A 111 -4.10 -36.99 -3.28
CA LEU A 111 -3.22 -35.89 -3.67
C LEU A 111 -2.18 -35.71 -2.55
N PRO A 112 -0.88 -35.91 -2.84
CA PRO A 112 0.13 -35.71 -1.79
C PRO A 112 0.37 -34.24 -1.53
N LEU A 113 1.02 -33.92 -0.41
CA LEU A 113 1.48 -32.55 -0.18
C LEU A 113 2.67 -32.31 -1.10
N CYS A 114 2.59 -31.29 -1.92
CA CYS A 114 3.67 -31.03 -2.88
C CYS A 114 4.36 -29.73 -2.59
N TYR A 115 5.60 -29.87 -2.14
CA TYR A 115 6.42 -28.69 -1.97
C TYR A 115 7.81 -29.02 -2.53
N HIS A 116 8.79 -29.24 -1.67
CA HIS A 116 10.14 -29.55 -2.11
C HIS A 116 10.46 -30.99 -1.74
N SER A 117 10.37 -31.87 -2.73
CA SER A 117 10.48 -33.32 -2.55
C SER A 117 11.91 -33.81 -2.41
N SER A 118 12.09 -34.82 -1.58
CA SER A 118 13.37 -35.48 -1.42
C SER A 118 13.64 -36.31 -2.69
N SER A 119 14.90 -36.38 -3.07
CA SER A 119 15.35 -37.18 -4.20
C SER A 119 15.63 -38.64 -3.82
N LEU A 120 15.55 -38.94 -2.53
CA LEU A 120 15.78 -40.30 -2.01
C LEU A 120 14.54 -41.18 -2.15
N VAL A 121 13.40 -40.55 -2.46
CA VAL A 121 12.10 -41.21 -2.52
C VAL A 121 11.46 -41.13 -3.91
N SER A 122 10.46 -42.00 -4.14
CA SER A 122 9.59 -41.90 -5.31
C SER A 122 8.50 -40.86 -5.01
N SER A 123 8.38 -39.87 -5.89
CA SER A 123 7.36 -38.84 -5.69
C SER A 123 6.66 -38.43 -6.97
N LEU A 124 5.36 -38.13 -6.86
CA LEU A 124 4.59 -37.70 -8.02
C LEU A 124 4.54 -36.17 -8.15
N CYS A 125 5.02 -35.47 -7.14
CA CYS A 125 5.02 -34.02 -7.12
C CYS A 125 5.85 -33.46 -8.26
N SER A 126 5.36 -32.38 -8.88
CA SER A 126 6.14 -31.71 -9.91
CA SER A 126 6.09 -31.70 -9.94
C SER A 126 6.36 -30.25 -9.52
N THR A 127 6.27 -29.33 -10.48
CA THR A 127 6.61 -27.93 -10.19
C THR A 127 5.57 -27.24 -9.32
N GLU A 128 4.31 -27.66 -9.41
CA GLU A 128 3.24 -26.95 -8.70
C GLU A 128 3.26 -27.30 -7.21
N HIS A 129 3.37 -26.29 -6.37
CA HIS A 129 3.27 -26.47 -4.93
C HIS A 129 1.81 -26.43 -4.51
N HIS A 130 1.36 -27.48 -3.81
CA HIS A 130 -0.05 -27.56 -3.38
C HIS A 130 -0.22 -28.40 -2.11
N PRO A 131 -1.26 -28.10 -1.31
CA PRO A 131 -1.58 -28.94 -0.15
C PRO A 131 -2.04 -30.34 -0.59
N SER A 132 -2.11 -31.25 0.36
CA SER A 132 -2.62 -32.61 0.13
C SER A 132 -4.16 -32.66 0.12
N SER A 133 -4.70 -33.82 -0.25
CA SER A 133 -6.14 -34.05 -0.10
C SER A 133 -6.45 -34.37 1.37
N THR A 134 -6.15 -33.39 2.23
CA THR A 134 -6.43 -33.45 3.66
C THR A 134 -7.22 -32.19 4.03
N TYR A 135 -8.36 -32.39 4.68
CA TYR A 135 -9.30 -31.32 4.97
C TYR A 135 -9.41 -31.10 6.48
N TYR A 136 -8.80 -30.00 6.93
CA TYR A 136 -8.65 -29.70 8.33
C TYR A 136 -9.83 -28.92 8.92
N ALA A 137 -10.12 -29.21 10.20
CA ALA A 137 -11.11 -28.48 10.98
C ALA A 137 -10.80 -26.99 11.02
N GLY A 138 -11.83 -26.17 10.94
CA GLY A 138 -11.70 -24.73 11.14
C GLY A 138 -11.01 -23.98 10.02
N THR A 139 -10.99 -24.57 8.83
CA THR A 139 -10.41 -23.96 7.62
C THR A 139 -11.33 -22.84 7.10
N THR A 140 -12.64 -23.09 7.18
CA THR A 140 -13.64 -22.13 6.79
C THR A 140 -14.97 -22.57 7.41
N GLN A 141 -15.83 -21.61 7.70
CA GLN A 141 -17.14 -21.94 8.25
C GLN A 141 -18.03 -22.55 7.16
N GLY A 142 -17.84 -22.12 5.92
CA GLY A 142 -18.71 -22.53 4.82
C GLY A 142 -18.37 -23.89 4.24
N TRP A 143 -19.32 -24.46 3.52
CA TRP A 143 -19.05 -25.61 2.67
C TRP A 143 -18.14 -25.15 1.53
N ARG A 144 -17.36 -26.07 0.98
CA ARG A 144 -16.63 -25.75 -0.23
C ARG A 144 -16.52 -26.94 -1.15
N ARG A 145 -16.37 -26.66 -2.44
CA ARG A 145 -16.17 -27.68 -3.43
C ARG A 145 -14.67 -27.96 -3.59
N GLU A 146 -14.32 -29.24 -3.63
CA GLU A 146 -12.97 -29.66 -3.94
C GLU A 146 -13.01 -30.51 -5.20
N VAL A 147 -12.00 -30.35 -6.06
CA VAL A 147 -11.86 -31.18 -7.27
C VAL A 147 -10.42 -31.68 -7.36
N VAL A 148 -10.26 -32.98 -7.61
CA VAL A 148 -8.95 -33.59 -7.80
C VAL A 148 -8.96 -34.30 -9.15
N HIS A 149 -8.03 -33.89 -10.02
CA HIS A 149 -7.83 -34.47 -11.35
C HIS A 149 -6.73 -35.54 -11.31
N PHE A 150 -6.90 -36.61 -12.08
CA PHE A 150 -6.01 -37.78 -12.05
C PHE A 150 -4.85 -37.75 -13.06
N GLY A 151 -4.91 -36.81 -14.01
CA GLY A 151 -3.91 -36.71 -15.08
C GLY A 151 -2.47 -36.81 -14.61
N LYS A 152 -2.21 -36.34 -13.39
CA LYS A 152 -0.86 -36.26 -12.86
C LYS A 152 -0.57 -37.37 -11.84
N LEU A 153 -1.56 -38.23 -11.59
CA LEU A 153 -1.48 -39.13 -10.44
C LEU A 153 -1.12 -40.57 -10.76
N HIS A 154 -0.85 -40.87 -12.02
CA HIS A 154 -0.56 -42.24 -12.46
C HIS A 154 -1.54 -43.22 -11.85
N LEU A 155 -2.83 -42.88 -11.91
CA LEU A 155 -3.89 -43.73 -11.39
C LEU A 155 -4.77 -44.20 -12.52
N CYS A 156 -4.65 -45.48 -12.85
CA CYS A 156 -5.43 -46.10 -13.93
CA CYS A 156 -5.44 -46.10 -13.92
C CYS A 156 -5.83 -47.52 -13.53
N GLY A 157 -7.04 -47.92 -13.89
CA GLY A 157 -7.54 -49.26 -13.55
C GLY A 157 -8.51 -49.27 -12.37
N SER A 158 -8.61 -50.41 -11.71
CA SER A 158 -9.58 -50.60 -10.64
C SER A 158 -9.06 -50.02 -9.33
N VAL A 159 -9.79 -49.03 -8.81
CA VAL A 159 -9.40 -48.33 -7.59
C VAL A 159 -10.65 -48.09 -6.74
N ARG A 160 -10.52 -48.17 -5.41
CA ARG A 160 -11.57 -47.65 -4.51
C ARG A 160 -11.07 -46.44 -3.71
N PHE A 161 -12.01 -45.58 -3.31
CA PHE A 161 -11.65 -44.32 -2.67
C PHE A 161 -12.34 -44.22 -1.33
N ARG A 162 -11.76 -43.43 -0.43
CA ARG A 162 -12.41 -43.18 0.84
C ARG A 162 -12.12 -41.78 1.39
N TRP A 163 -13.09 -41.28 2.15
CA TRP A 163 -12.92 -40.12 2.99
C TRP A 163 -12.81 -40.69 4.40
N TYR A 164 -11.65 -40.54 5.02
CA TYR A 164 -11.37 -41.23 6.27
C TYR A 164 -10.90 -40.24 7.32
N GLN A 165 -11.45 -40.35 8.52
CA GLN A 165 -11.05 -39.48 9.62
C GLN A 165 -10.29 -40.25 10.69
N GLY A 166 -10.88 -41.30 11.24
CA GLY A 166 -10.20 -42.06 12.28
C GLY A 166 -11.07 -43.11 12.93
N PHE A 167 -10.55 -43.73 13.98
CA PHE A 167 -11.31 -44.69 14.78
C PHE A 167 -11.40 -44.15 16.19
N TYR A 168 -12.63 -44.00 16.69
CA TYR A 168 -12.91 -43.31 17.94
C TYR A 168 -13.65 -44.16 18.97
N PRO A 169 -12.94 -44.56 20.04
CA PRO A 169 -13.56 -45.21 21.20
C PRO A 169 -14.57 -44.28 21.87
N ALA A 170 -15.47 -44.84 22.68
CA ALA A 170 -16.39 -44.05 23.49
C ALA A 170 -15.64 -42.98 24.28
N GLY A 171 -16.22 -41.78 24.36
CA GLY A 171 -15.61 -40.68 25.09
C GLY A 171 -14.73 -39.78 24.24
N SER A 172 -14.48 -40.19 23.00
CA SER A 172 -13.73 -39.37 22.04
C SER A 172 -14.65 -38.26 21.55
N GLN A 173 -14.06 -37.13 21.18
CA GLN A 173 -14.86 -36.05 20.60
C GLN A 173 -14.17 -35.41 19.40
N PRO A 174 -14.00 -36.17 18.30
CA PRO A 174 -13.38 -35.59 17.11
C PRO A 174 -14.34 -34.59 16.47
N VAL A 175 -13.80 -33.69 15.67
CA VAL A 175 -14.60 -32.74 14.94
C VAL A 175 -15.65 -33.45 14.07
N THR A 176 -16.86 -32.92 14.06
CA THR A 176 -17.91 -33.36 13.15
C THR A 176 -17.61 -32.89 11.72
N TRP A 177 -17.95 -33.72 10.73
CA TRP A 177 -17.78 -33.35 9.35
C TRP A 177 -18.87 -33.94 8.49
N ALA A 178 -18.94 -33.46 7.25
CA ALA A 178 -19.93 -33.94 6.31
C ALA A 178 -19.46 -33.72 4.88
N ILE A 179 -19.89 -34.62 3.99
CA ILE A 179 -19.66 -34.46 2.55
C ILE A 179 -20.96 -34.49 1.79
N ASP A 180 -20.96 -33.92 0.60
CA ASP A 180 -22.16 -33.87 -0.26
C ASP A 180 -21.74 -33.85 -1.72
N ASN A 181 -22.69 -34.15 -2.61
CA ASN A 181 -22.49 -33.98 -4.06
C ASN A 181 -21.18 -34.56 -4.57
N VAL A 182 -21.04 -35.86 -4.40
CA VAL A 182 -19.83 -36.55 -4.80
C VAL A 182 -20.01 -36.95 -6.25
N TYR A 183 -19.03 -36.61 -7.08
CA TYR A 183 -18.99 -37.07 -8.46
C TYR A 183 -17.61 -37.68 -8.72
N ILE A 184 -17.61 -38.92 -9.22
CA ILE A 184 -16.38 -39.55 -9.69
C ILE A 184 -16.66 -40.02 -11.11
N GLY A 185 -15.93 -39.45 -12.05
CA GLY A 185 -16.12 -39.77 -13.46
C GLY A 185 -15.27 -38.91 -14.36
N PRO A 186 -15.49 -39.00 -15.68
CA PRO A 186 -14.72 -38.21 -16.66
C PRO A 186 -14.87 -36.70 -16.43
N GLN A 187 -13.77 -35.96 -16.63
CA GLN A 187 -13.78 -34.52 -16.41
C GLN A 187 -14.73 -33.85 -17.42
N CYS A 188 -15.15 -32.63 -17.07
CA CYS A 188 -15.90 -31.82 -18.02
C CYS A 188 -14.90 -31.06 -18.88
N GLU A 189 -15.37 -30.57 -20.03
CA GLU A 189 -14.57 -29.76 -20.93
C GLU A 189 -14.00 -28.53 -20.21
N GLU A 190 -12.69 -28.34 -20.34
CA GLU A 190 -11.94 -27.25 -19.70
C GLU A 190 -12.07 -27.23 -18.19
N MET A 191 -12.54 -28.35 -17.62
CA MET A 191 -12.78 -28.47 -16.17
C MET A 191 -13.72 -27.37 -15.66
N CYS A 192 -14.64 -26.93 -16.53
CA CYS A 192 -15.58 -25.83 -16.23
C CYS A 192 -14.85 -24.54 -15.83
N TYR A 193 -13.65 -24.38 -16.38
CA TYR A 193 -12.73 -23.26 -16.07
C TYR A 193 -12.54 -23.02 -14.57
N GLY A 194 -12.82 -24.05 -13.77
CA GLY A 194 -12.72 -23.95 -12.31
C GLY A 194 -13.80 -23.09 -11.68
N HIS A 195 -14.85 -22.79 -12.44
CA HIS A 195 -15.94 -21.94 -11.98
C HIS A 195 -17.31 -22.60 -12.13
N GLY A 196 -17.33 -23.92 -11.98
CA GLY A 196 -18.56 -24.69 -12.03
C GLY A 196 -18.35 -26.10 -11.56
N SER A 197 -19.46 -26.80 -11.27
CA SER A 197 -19.43 -28.22 -10.93
C SER A 197 -19.66 -29.04 -12.17
N CYS A 198 -18.86 -30.08 -12.34
CA CYS A 198 -19.01 -31.01 -13.46
C CYS A 198 -20.05 -32.06 -13.14
N ILE A 199 -20.93 -32.31 -14.11
CA ILE A 199 -21.88 -33.43 -14.00
C ILE A 199 -21.69 -34.37 -15.19
N ASN A 200 -21.22 -35.58 -14.89
CA ASN A 200 -21.08 -36.66 -15.86
C ASN A 200 -20.07 -36.41 -16.98
N GLY A 201 -19.33 -35.31 -16.89
CA GLY A 201 -18.37 -34.94 -17.91
C GLY A 201 -18.98 -34.24 -19.11
N THR A 202 -20.29 -34.01 -19.06
CA THR A 202 -21.03 -33.51 -20.21
C THR A 202 -21.69 -32.16 -19.93
N LYS A 203 -21.72 -31.78 -18.66
CA LYS A 203 -22.50 -30.64 -18.20
C LYS A 203 -21.78 -29.89 -17.08
N CYS A 204 -21.61 -28.58 -17.25
CA CYS A 204 -21.10 -27.73 -16.18
C CYS A 204 -22.25 -26.97 -15.55
N ILE A 205 -22.32 -26.99 -14.21
CA ILE A 205 -23.23 -26.15 -13.46
C ILE A 205 -22.41 -24.98 -12.90
N CYS A 206 -22.56 -23.81 -13.52
CA CYS A 206 -21.69 -22.67 -13.28
C CYS A 206 -21.93 -21.99 -11.93
N ASP A 207 -20.86 -21.48 -11.34
CA ASP A 207 -20.95 -20.68 -10.12
C ASP A 207 -21.56 -19.30 -10.45
N PRO A 208 -22.16 -18.63 -9.44
CA PRO A 208 -22.65 -17.24 -9.62
C PRO A 208 -21.65 -16.31 -10.29
N GLY A 209 -22.11 -15.58 -11.31
CA GLY A 209 -21.24 -14.65 -12.05
C GLY A 209 -20.42 -15.32 -13.15
N TYR A 210 -20.71 -16.59 -13.41
CA TYR A 210 -20.10 -17.34 -14.49
C TYR A 210 -21.20 -18.03 -15.30
N SER A 211 -21.01 -18.09 -16.61
CA SER A 211 -22.07 -18.57 -17.50
C SER A 211 -21.53 -19.21 -18.77
N GLY A 212 -22.42 -19.84 -19.54
CA GLY A 212 -22.02 -20.57 -20.73
C GLY A 212 -21.80 -22.04 -20.45
N PRO A 213 -21.71 -22.87 -21.52
CA PRO A 213 -21.47 -24.31 -21.46
C PRO A 213 -20.32 -24.76 -20.56
N THR A 214 -19.24 -23.98 -20.49
CA THR A 214 -18.05 -24.34 -19.70
C THR A 214 -17.67 -23.28 -18.65
N CYS A 215 -18.60 -22.37 -18.36
CA CYS A 215 -18.40 -21.33 -17.35
C CYS A 215 -17.20 -20.43 -17.68
N LYS A 216 -17.01 -20.15 -18.96
CA LYS A 216 -15.86 -19.38 -19.42
C LYS A 216 -16.06 -17.89 -19.16
N ILE A 217 -17.27 -17.42 -19.44
CA ILE A 217 -17.55 -15.98 -19.42
C ILE A 217 -17.87 -15.49 -18.01
N SER A 218 -17.13 -14.45 -17.63
CA SER A 218 -17.17 -13.87 -16.28
C SER A 218 -17.76 -12.46 -16.35
N THR A 219 -18.56 -12.12 -15.34
CA THR A 219 -18.93 -10.73 -15.08
C THR A 219 -17.66 -10.02 -14.62
N LYS A 220 -17.58 -8.71 -14.79
CA LYS A 220 -16.37 -7.96 -14.47
C LYS A 220 -15.97 -8.13 -13.00
N ASN A 221 -14.72 -8.49 -12.78
CA ASN A 221 -14.18 -8.60 -11.42
C ASN A 221 -13.53 -7.27 -11.02
N PRO A 222 -13.44 -6.99 -9.71
CA PRO A 222 -12.80 -5.75 -9.27
C PRO A 222 -11.30 -5.72 -9.62
N ASP A 223 -10.80 -4.53 -9.97
CA ASP A 223 -9.39 -4.37 -10.36
C ASP A 223 -8.47 -3.92 -9.20
N PHE A 224 -8.96 -4.06 -7.97
CA PHE A 224 -8.27 -3.58 -6.78
C PHE A 224 -8.74 -4.37 -5.57
N LEU A 225 -7.81 -4.68 -4.68
CA LEU A 225 -8.15 -5.28 -3.39
C LEU A 225 -7.37 -4.57 -2.30
N LYS A 226 -8.06 -4.21 -1.22
CA LYS A 226 -7.40 -3.73 -0.01
C LYS A 226 -7.93 -4.46 1.20
N ASP A 227 -7.02 -5.00 2.02
CA ASP A 227 -7.40 -5.33 3.39
C ASP A 227 -6.35 -4.92 4.41
N ASP A 228 -6.76 -4.04 5.32
CA ASP A 228 -5.91 -3.60 6.42
C ASP A 228 -6.25 -4.36 7.71
N PHE A 229 -7.25 -5.23 7.61
CA PHE A 229 -7.73 -6.06 8.73
C PHE A 229 -8.31 -5.29 9.91
N GLU A 230 -8.68 -4.04 9.67
CA GLU A 230 -9.36 -3.20 10.66
C GLU A 230 -10.87 -3.29 10.50
N GLY A 231 -11.33 -3.89 9.41
CA GLY A 231 -12.75 -3.93 9.08
C GLY A 231 -13.36 -5.27 9.40
N GLN A 232 -14.07 -5.84 8.42
CA GLN A 232 -14.71 -7.14 8.62
C GLN A 232 -13.81 -8.26 8.14
N LEU A 233 -13.98 -9.42 8.76
CA LEU A 233 -13.17 -10.60 8.44
C LEU A 233 -13.99 -11.63 7.69
N GLU A 234 -15.21 -11.24 7.33
CA GLU A 234 -16.04 -11.94 6.38
C GLU A 234 -16.45 -10.92 5.33
N SER A 235 -15.83 -11.00 4.16
CA SER A 235 -16.12 -10.08 3.08
C SER A 235 -16.04 -10.80 1.74
N ASP A 236 -16.31 -10.08 0.66
CA ASP A 236 -16.15 -10.66 -0.66
C ASP A 236 -14.68 -10.65 -1.11
N ARG A 237 -13.78 -10.15 -0.28
CA ARG A 237 -12.38 -9.97 -0.69
C ARG A 237 -11.58 -11.27 -0.66
N PHE A 238 -11.85 -12.11 0.35
CA PHE A 238 -11.13 -13.38 0.49
C PHE A 238 -12.09 -14.56 0.47
N LEU A 239 -11.72 -15.58 -0.29
CA LEU A 239 -12.49 -16.81 -0.37
C LEU A 239 -12.12 -17.75 0.76
N LEU A 240 -10.92 -17.58 1.29
CA LEU A 240 -10.46 -18.40 2.41
C LEU A 240 -9.50 -17.59 3.25
N MET A 241 -9.62 -17.73 4.57
CA MET A 241 -8.72 -17.07 5.51
C MET A 241 -8.35 -18.07 6.62
N SER A 242 -7.96 -19.26 6.19
CA SER A 242 -7.74 -20.38 7.09
C SER A 242 -6.56 -20.11 8.00
N GLY A 243 -6.81 -20.16 9.30
CA GLY A 243 -5.76 -20.04 10.30
C GLY A 243 -5.33 -18.63 10.66
N GLY A 244 -5.95 -17.64 10.03
CA GLY A 244 -5.60 -16.23 10.30
C GLY A 244 -6.63 -15.56 11.17
N LYS A 245 -6.19 -14.91 12.24
CA LYS A 245 -7.10 -14.19 13.14
C LYS A 245 -6.64 -12.75 13.31
N PRO A 246 -7.58 -11.80 13.47
CA PRO A 246 -7.23 -10.40 13.71
C PRO A 246 -6.55 -10.27 15.07
N SER A 247 -5.44 -9.53 15.13
CA SER A 247 -4.66 -9.46 16.35
C SER A 247 -3.78 -8.23 16.42
N ARG A 248 -3.39 -7.86 17.63
CA ARG A 248 -2.37 -6.82 17.81
C ARG A 248 -1.03 -7.45 18.22
N LYS A 249 -1.02 -8.78 18.33
CA LYS A 249 0.19 -9.49 18.71
C LYS A 249 1.14 -9.57 17.52
N CYS A 250 2.44 -9.59 17.80
CA CYS A 250 3.45 -9.76 16.76
C CYS A 250 3.26 -8.71 15.69
N GLY A 251 2.99 -7.47 16.14
CA GLY A 251 2.64 -6.37 15.25
C GLY A 251 3.77 -5.91 14.35
N ILE A 252 3.38 -5.26 13.26
CA ILE A 252 4.32 -4.61 12.36
C ILE A 252 4.08 -3.12 12.42
N LEU A 253 2.83 -2.72 12.19
CA LEU A 253 2.45 -1.31 12.21
C LEU A 253 2.13 -0.86 13.64
N SER A 254 2.29 0.43 13.93
CA SER A 254 2.11 0.94 15.28
C SER A 254 0.64 0.98 15.74
N SER A 255 -0.28 1.11 14.80
CA SER A 255 -1.70 1.04 15.14
C SER A 255 -2.47 0.05 14.27
N GLY A 256 -3.54 -0.49 14.84
CA GLY A 256 -4.41 -1.39 14.12
C GLY A 256 -4.06 -2.86 14.18
N ASN A 257 -5.05 -3.68 13.85
CA ASN A 257 -4.92 -5.11 13.81
C ASN A 257 -4.17 -5.58 12.57
N ASN A 258 -3.54 -6.74 12.68
CA ASN A 258 -2.95 -7.45 11.55
C ASN A 258 -3.70 -8.78 11.40
N LEU A 259 -3.38 -9.57 10.38
CA LEU A 259 -3.86 -10.96 10.34
C LEU A 259 -2.76 -11.90 10.83
N PHE A 260 -3.09 -12.68 11.86
CA PHE A 260 -2.14 -13.40 12.67
C PHE A 260 -2.36 -14.91 12.54
N PHE A 261 -1.31 -15.63 12.14
CA PHE A 261 -1.39 -17.08 11.97
C PHE A 261 -0.62 -17.75 13.11
N ASN A 262 -1.37 -18.30 14.08
CA ASN A 262 -0.77 -18.91 15.25
C ASN A 262 -1.54 -20.18 15.67
N GLU A 263 -2.20 -20.82 14.72
CA GLU A 263 -2.95 -22.06 14.96
C GLU A 263 -2.39 -23.22 14.15
N ASP A 264 -2.92 -24.41 14.38
CA ASP A 264 -2.54 -25.56 13.59
C ASP A 264 -3.62 -25.90 12.56
N GLY A 265 -3.34 -26.80 11.63
CA GLY A 265 -4.27 -27.13 10.57
C GLY A 265 -3.76 -26.56 9.25
N LEU A 266 -4.61 -25.81 8.56
CA LEU A 266 -4.25 -25.18 7.29
C LEU A 266 -3.99 -23.67 7.49
N ARG A 267 -2.89 -23.17 6.92
CA ARG A 267 -2.66 -21.71 6.90
C ARG A 267 -2.67 -21.24 5.46
N MET A 268 -3.79 -20.66 5.06
CA MET A 268 -3.98 -20.30 3.66
C MET A 268 -4.94 -19.13 3.53
N LEU A 269 -4.46 -18.05 2.92
CA LEU A 269 -5.27 -16.85 2.68
C LEU A 269 -5.47 -16.74 1.16
N VAL A 270 -6.71 -16.86 0.68
CA VAL A 270 -7.00 -16.87 -0.75
C VAL A 270 -7.89 -15.68 -1.14
N THR A 271 -7.47 -14.87 -2.10
CA THR A 271 -8.30 -13.74 -2.55
C THR A 271 -9.44 -14.26 -3.43
N ARG A 272 -10.48 -13.44 -3.58
CA ARG A 272 -11.48 -13.60 -4.64
C ARG A 272 -10.78 -13.42 -5.99
N ASP A 273 -11.45 -13.83 -7.07
CA ASP A 273 -10.93 -13.56 -8.42
C ASP A 273 -10.96 -12.08 -8.73
N LEU A 274 -9.83 -11.56 -9.19
CA LEU A 274 -9.68 -10.14 -9.53
C LEU A 274 -9.43 -9.93 -11.03
N ASP A 275 -9.77 -8.73 -11.51
CA ASP A 275 -9.34 -8.28 -12.84
C ASP A 275 -7.96 -7.62 -12.66
N LEU A 276 -6.92 -8.40 -12.95
CA LEU A 276 -5.55 -7.91 -12.85
C LEU A 276 -4.94 -7.64 -14.23
N SER A 277 -5.80 -7.46 -15.23
CA SER A 277 -5.33 -7.28 -16.61
C SER A 277 -4.50 -5.99 -16.80
N HIS A 278 -4.63 -5.03 -15.88
CA HIS A 278 -3.79 -3.84 -15.91
C HIS A 278 -3.11 -3.57 -14.58
N ALA A 279 -3.03 -4.59 -13.72
CA ALA A 279 -2.46 -4.45 -12.39
C ALA A 279 -0.94 -4.31 -12.42
N ARG A 280 -0.42 -3.46 -11.55
CA ARG A 280 1.01 -3.22 -11.44
C ARG A 280 1.67 -4.02 -10.30
N PHE A 281 0.95 -4.21 -9.20
CA PHE A 281 1.57 -4.66 -7.95
C PHE A 281 0.69 -5.49 -7.01
N VAL A 282 1.38 -6.30 -6.20
CA VAL A 282 0.86 -6.74 -4.92
C VAL A 282 1.84 -6.26 -3.83
N GLN A 283 1.30 -5.69 -2.76
CA GLN A 283 2.12 -5.23 -1.65
C GLN A 283 1.45 -5.55 -0.33
N PHE A 284 2.26 -5.69 0.71
CA PHE A 284 1.78 -6.04 2.04
C PHE A 284 2.95 -5.94 3.00
N PHE A 285 2.67 -6.02 4.30
CA PHE A 285 3.70 -6.10 5.32
C PHE A 285 3.64 -7.52 5.86
N MET A 286 4.79 -8.08 6.21
CA MET A 286 4.83 -9.44 6.73
C MET A 286 5.90 -9.57 7.79
N ARG A 287 5.65 -10.43 8.77
CA ARG A 287 6.61 -10.72 9.81
C ARG A 287 6.62 -12.23 9.97
N LEU A 288 7.76 -12.85 9.69
CA LEU A 288 7.89 -14.30 9.78
C LEU A 288 8.67 -14.65 11.04
N GLY A 289 7.92 -14.96 12.10
CA GLY A 289 8.49 -15.16 13.43
C GLY A 289 8.23 -13.95 14.31
N CYS A 290 8.05 -14.20 15.60
CA CYS A 290 7.55 -13.17 16.49
C CYS A 290 8.43 -12.99 17.72
N GLY A 291 9.46 -13.83 17.85
CA GLY A 291 10.30 -13.88 19.04
C GLY A 291 11.59 -13.08 18.95
N LYS A 292 12.33 -13.05 20.06
CA LYS A 292 13.56 -12.25 20.13
C LYS A 292 14.76 -12.93 19.49
N GLY A 293 14.77 -14.27 19.50
CA GLY A 293 15.88 -15.04 18.95
C GLY A 293 15.73 -15.28 17.46
N VAL A 294 16.36 -16.34 16.98
CA VAL A 294 16.22 -16.73 15.59
C VAL A 294 15.07 -17.74 15.44
N PRO A 295 14.19 -17.54 14.44
CA PRO A 295 13.08 -18.47 14.23
C PRO A 295 13.58 -19.91 14.04
N ASP A 296 12.81 -20.88 14.52
CA ASP A 296 13.10 -22.31 14.34
C ASP A 296 13.40 -22.59 12.87
N PRO A 297 14.57 -23.21 12.57
CA PRO A 297 14.95 -23.50 11.18
C PRO A 297 14.04 -24.49 10.43
N ARG A 298 13.16 -25.17 11.15
CA ARG A 298 12.19 -26.07 10.53
C ARG A 298 10.94 -25.33 10.04
N SER A 299 10.85 -24.04 10.36
CA SER A 299 9.70 -23.23 9.94
C SER A 299 9.59 -23.22 8.42
N GLN A 300 8.40 -23.58 7.94
CA GLN A 300 8.15 -23.67 6.51
C GLN A 300 7.86 -22.28 5.95
N PRO A 301 8.28 -22.01 4.69
CA PRO A 301 8.09 -20.70 4.07
C PRO A 301 6.63 -20.35 3.80
N VAL A 302 6.36 -19.06 3.67
CA VAL A 302 5.08 -18.59 3.17
C VAL A 302 5.21 -18.47 1.65
N LEU A 303 4.35 -19.18 0.92
CA LEU A 303 4.34 -19.14 -0.52
C LEU A 303 3.27 -18.17 -1.02
N LEU A 304 3.66 -17.33 -1.96
CA LEU A 304 2.71 -16.46 -2.62
C LEU A 304 2.56 -16.98 -4.04
N GLN A 305 1.33 -17.34 -4.40
CA GLN A 305 1.02 -18.01 -5.65
C GLN A 305 -0.19 -17.33 -6.30
N TYR A 306 -0.38 -17.56 -7.60
CA TYR A 306 -1.60 -17.06 -8.27
C TYR A 306 -2.25 -18.18 -9.08
N SER A 307 -3.56 -18.04 -9.32
CA SER A 307 -4.30 -18.97 -10.17
C SER A 307 -5.13 -18.20 -11.20
N LEU A 308 -5.15 -18.72 -12.42
CA LEU A 308 -5.91 -18.13 -13.53
C LEU A 308 -7.21 -18.87 -13.80
N ASN A 309 -7.40 -20.00 -13.10
CA ASN A 309 -8.48 -20.94 -13.41
C ASN A 309 -9.24 -21.36 -12.15
N GLY A 310 -9.59 -20.38 -11.33
CA GLY A 310 -10.40 -20.58 -10.13
C GLY A 310 -9.81 -21.53 -9.12
N GLY A 311 -8.48 -21.56 -9.04
CA GLY A 311 -7.79 -22.44 -8.10
C GLY A 311 -7.56 -23.87 -8.54
N LEU A 312 -7.84 -24.19 -9.80
CA LEU A 312 -7.52 -25.53 -10.33
C LEU A 312 -6.02 -25.79 -10.37
N SER A 313 -5.25 -24.75 -10.69
CA SER A 313 -3.78 -24.84 -10.68
C SER A 313 -3.18 -23.51 -10.26
N TRP A 314 -2.02 -23.60 -9.60
CA TRP A 314 -1.37 -22.45 -9.00
C TRP A 314 0.07 -22.29 -9.50
N SER A 315 0.48 -21.04 -9.70
CA SER A 315 1.84 -20.73 -10.12
C SER A 315 2.50 -19.90 -9.04
N LEU A 316 3.80 -20.07 -8.87
CA LEU A 316 4.55 -19.39 -7.83
C LEU A 316 4.90 -17.93 -8.18
N LEU A 317 4.62 -17.02 -7.27
CA LEU A 317 5.16 -15.65 -7.38
C LEU A 317 6.46 -15.54 -6.61
N GLN A 318 6.43 -15.92 -5.33
CA GLN A 318 7.60 -15.79 -4.46
C GLN A 318 7.45 -16.71 -3.26
N GLU A 319 8.54 -17.36 -2.86
CA GLU A 319 8.59 -18.01 -1.56
C GLU A 319 9.30 -17.10 -0.57
N PHE A 320 8.71 -16.94 0.61
CA PHE A 320 9.32 -16.11 1.64
C PHE A 320 9.77 -16.99 2.79
N LEU A 321 11.08 -17.08 2.98
CA LEU A 321 11.67 -18.00 3.96
C LEU A 321 11.83 -17.34 5.32
N PHE A 322 11.60 -18.11 6.37
CA PHE A 322 11.98 -17.73 7.72
C PHE A 322 13.50 -17.69 7.77
N SER A 323 14.03 -16.64 8.40
CA SER A 323 15.48 -16.44 8.58
C SER A 323 15.73 -15.69 9.89
N ASN A 324 17.01 -15.52 10.23
CA ASN A 324 17.42 -14.74 11.40
C ASN A 324 16.92 -13.28 11.38
N SER A 325 16.48 -12.81 10.22
CA SER A 325 16.03 -11.42 10.06
C SER A 325 14.54 -11.28 9.74
N SER A 326 13.89 -12.39 9.42
CA SER A 326 12.49 -12.36 8.97
C SER A 326 11.53 -12.00 10.10
N ASN A 327 11.99 -12.14 11.34
CA ASN A 327 11.15 -11.89 12.51
C ASN A 327 11.04 -10.40 12.90
N VAL A 328 11.32 -9.54 11.92
CA VAL A 328 11.04 -8.11 12.03
C VAL A 328 10.02 -7.78 10.92
N GLY A 329 9.01 -6.99 11.25
CA GLY A 329 8.05 -6.55 10.24
C GLY A 329 8.76 -5.97 9.04
N ARG A 330 8.33 -6.38 7.85
CA ARG A 330 8.93 -5.88 6.60
C ARG A 330 7.86 -5.51 5.59
N TYR A 331 8.03 -4.36 4.93
CA TYR A 331 7.23 -4.01 3.74
C TYR A 331 7.67 -4.89 2.56
N ILE A 332 6.71 -5.47 1.86
CA ILE A 332 6.98 -6.30 0.70
C ILE A 332 6.15 -5.80 -0.49
N ALA A 333 6.76 -5.71 -1.66
CA ALA A 333 6.02 -5.39 -2.87
C ALA A 333 6.61 -6.13 -4.07
N LEU A 334 5.73 -6.65 -4.91
CA LEU A 334 6.14 -7.31 -6.14
C LEU A 334 5.36 -6.75 -7.31
N GLU A 335 6.03 -6.62 -8.45
CA GLU A 335 5.36 -6.27 -9.71
C GLU A 335 4.55 -7.47 -10.17
N MET A 336 3.33 -7.23 -10.64
CA MET A 336 2.48 -8.30 -11.15
C MET A 336 2.98 -8.75 -12.53
N PRO A 337 3.47 -10.00 -12.63
CA PRO A 337 4.00 -10.49 -13.91
C PRO A 337 2.89 -10.65 -14.95
N LEU A 338 3.28 -10.58 -16.23
CA LEU A 338 2.33 -10.63 -17.34
C LEU A 338 1.42 -11.85 -17.26
N LYS A 339 1.98 -13.01 -16.94
CA LYS A 339 1.22 -14.26 -16.91
C LYS A 339 0.10 -14.25 -15.86
N ALA A 340 0.28 -13.49 -14.78
CA ALA A 340 -0.76 -13.33 -13.76
C ALA A 340 -1.83 -12.29 -14.12
N ARG A 341 -1.59 -11.51 -15.17
CA ARG A 341 -2.54 -10.46 -15.53
C ARG A 341 -3.67 -11.01 -16.42
N SER A 342 -4.81 -11.29 -15.79
CA SER A 342 -5.99 -11.70 -16.55
C SER A 342 -7.20 -11.06 -15.92
N GLY A 343 -8.34 -11.20 -16.57
CA GLY A 343 -9.61 -10.72 -16.02
C GLY A 343 -10.08 -11.49 -14.81
N SER A 344 -9.43 -12.61 -14.53
CA SER A 344 -9.85 -13.51 -13.45
C SER A 344 -8.66 -14.23 -12.78
N THR A 345 -7.92 -13.49 -11.96
CA THR A 345 -6.77 -14.03 -11.23
C THR A 345 -6.99 -13.91 -9.72
N ARG A 346 -6.71 -14.99 -9.01
CA ARG A 346 -6.72 -14.95 -7.54
C ARG A 346 -5.29 -15.18 -7.03
N LEU A 347 -4.98 -14.60 -5.87
CA LEU A 347 -3.70 -14.82 -5.23
C LEU A 347 -3.91 -15.63 -3.96
N ARG A 348 -2.87 -16.33 -3.51
CA ARG A 348 -2.93 -16.95 -2.19
C ARG A 348 -1.60 -16.86 -1.48
N TRP A 349 -1.68 -16.72 -0.16
CA TRP A 349 -0.54 -16.94 0.72
C TRP A 349 -0.79 -18.24 1.46
N TRP A 350 0.14 -19.17 1.37
CA TRP A 350 -0.02 -20.50 1.94
C TRP A 350 1.31 -20.93 2.56
N GLN A 351 1.25 -21.36 3.82
CA GLN A 351 2.42 -21.92 4.47
C GLN A 351 2.23 -23.43 4.59
N PRO A 352 3.00 -24.22 3.80
CA PRO A 352 2.89 -25.69 3.82
C PRO A 352 3.26 -26.29 5.18
N SER A 353 2.65 -27.42 5.49
CA SER A 353 3.01 -28.26 6.63
CA SER A 353 3.03 -28.27 6.62
C SER A 353 2.51 -29.67 6.36
N GLU A 354 3.34 -30.67 6.62
CA GLU A 354 2.96 -32.05 6.34
C GLU A 354 1.87 -32.58 7.29
N ASN A 355 1.85 -32.11 8.53
CA ASN A 355 0.96 -32.67 9.54
C ASN A 355 -0.04 -31.69 10.14
N GLY A 356 -0.02 -30.46 9.65
CA GLY A 356 -0.87 -29.42 10.21
C GLY A 356 -0.23 -28.74 11.41
N HIS A 357 1.00 -29.12 11.76
CA HIS A 357 1.75 -28.42 12.80
CA HIS A 357 1.77 -28.45 12.81
C HIS A 357 2.76 -27.43 12.24
N PHE A 358 2.91 -26.31 12.92
CA PHE A 358 3.82 -25.23 12.51
C PHE A 358 4.81 -24.90 13.63
N TYR A 359 6.01 -24.51 13.24
CA TYR A 359 7.09 -24.23 14.20
C TYR A 359 7.17 -22.76 14.60
N SER A 360 6.61 -21.88 13.77
CA SER A 360 6.54 -20.44 14.07
C SER A 360 5.23 -19.82 13.60
N PRO A 361 4.75 -18.79 14.33
CA PRO A 361 3.67 -17.96 13.80
C PRO A 361 4.18 -16.93 12.79
N TRP A 362 3.25 -16.28 12.11
CA TRP A 362 3.57 -15.16 11.25
C TRP A 362 2.39 -14.22 11.14
N VAL A 363 2.68 -13.01 10.64
CA VAL A 363 1.69 -11.96 10.53
C VAL A 363 1.75 -11.38 9.14
N ILE A 364 0.58 -11.01 8.61
CA ILE A 364 0.50 -10.23 7.39
C ILE A 364 -0.45 -9.04 7.64
N ASP A 365 -0.16 -7.91 7.00
CA ASP A 365 -0.96 -6.71 7.19
C ASP A 365 -0.99 -5.84 5.95
N GLN A 366 -2.02 -5.00 5.84
CA GLN A 366 -2.07 -3.94 4.81
C GLN A 366 -1.88 -4.46 3.40
N ILE A 367 -2.68 -5.44 3.03
CA ILE A 367 -2.59 -6.04 1.70
C ILE A 367 -3.26 -5.11 0.71
N LEU A 368 -2.52 -4.79 -0.35
CA LEU A 368 -3.05 -4.03 -1.46
C LEU A 368 -2.64 -4.75 -2.74
N ILE A 369 -3.61 -4.95 -3.63
CA ILE A 369 -3.39 -5.50 -4.96
C ILE A 369 -4.04 -4.56 -5.95
N GLY A 370 -3.30 -4.14 -6.96
CA GLY A 370 -3.87 -3.32 -8.01
C GLY A 370 -2.86 -2.49 -8.76
N GLY A 371 -3.15 -1.19 -8.88
CA GLY A 371 -2.35 -0.29 -9.68
C GLY A 371 -2.88 -0.26 -11.11
N ASN A 372 -2.19 0.46 -11.98
CA ASN A 372 -2.63 0.61 -13.35
C ASN A 372 -1.42 0.83 -14.23
N ILE A 373 -1.20 -0.09 -15.17
CA ILE A 373 -0.01 -0.05 -16.04
C ILE A 373 -0.23 0.71 -17.34
N SER A 374 -1.38 1.37 -17.50
CA SER A 374 -1.77 1.93 -18.80
C SER A 374 -1.19 3.31 -19.13
N GLY A 375 -0.30 3.82 -18.29
CA GLY A 375 0.44 5.03 -18.60
C GLY A 375 -0.07 6.35 -18.04
N ASN A 376 -1.04 6.30 -17.13
CA ASN A 376 -1.58 7.52 -16.51
C ASN A 376 -0.49 8.41 -15.89
N THR A 377 -0.58 9.71 -16.18
CA THR A 377 0.44 10.69 -15.80
C THR A 377 -0.06 11.69 -14.74
N VAL A 378 -1.31 11.53 -14.30
CA VAL A 378 -1.92 12.52 -13.39
C VAL A 378 -2.54 11.87 -12.15
N LEU A 379 -2.15 12.36 -10.98
CA LEU A 379 -2.89 12.06 -9.75
C LEU A 379 -3.33 13.38 -9.08
N GLU A 380 -4.63 13.55 -8.92
CA GLU A 380 -5.15 14.77 -8.28
C GLU A 380 -6.26 14.47 -7.27
N ASP A 381 -6.35 15.30 -6.23
CA ASP A 381 -7.32 15.08 -5.18
C ASP A 381 -7.58 16.34 -4.35
N ASP A 382 -8.86 16.60 -4.09
CA ASP A 382 -9.27 17.66 -3.14
C ASP A 382 -9.72 17.07 -1.80
N PHE A 383 -9.64 15.74 -1.72
CA PHE A 383 -10.02 14.96 -0.54
C PHE A 383 -11.47 15.07 -0.10
N SER A 384 -12.36 15.28 -1.08
CA SER A 384 -13.80 15.14 -0.85
CA SER A 384 -13.81 15.14 -0.86
C SER A 384 -14.09 13.69 -0.46
N THR A 385 -13.29 12.77 -1.01
CA THR A 385 -13.30 11.36 -0.63
C THR A 385 -11.86 10.93 -0.41
N LEU A 386 -11.67 9.80 0.25
CA LEU A 386 -10.34 9.22 0.37
C LEU A 386 -10.33 7.87 -0.37
N ASP A 387 -9.91 7.91 -1.63
CA ASP A 387 -9.93 6.75 -2.51
C ASP A 387 -8.69 5.90 -2.23
N SER A 388 -8.92 4.66 -1.79
CA SER A 388 -7.87 3.70 -1.49
C SER A 388 -6.96 3.39 -2.68
N ARG A 389 -7.49 3.53 -3.89
CA ARG A 389 -6.74 3.23 -5.13
C ARG A 389 -5.70 4.31 -5.43
N LYS A 390 -5.93 5.52 -4.90
CA LYS A 390 -5.02 6.64 -5.07
C LYS A 390 -4.07 6.84 -3.90
N TRP A 391 -4.58 6.64 -2.68
CA TRP A 391 -3.84 6.82 -1.45
C TRP A 391 -3.71 5.46 -0.80
N LEU A 392 -2.56 4.83 -1.01
CA LEU A 392 -2.36 3.40 -0.70
C LEU A 392 -2.24 3.14 0.80
N LEU A 393 -1.43 3.97 1.46
CA LEU A 393 -1.21 3.88 2.91
C LEU A 393 -1.29 5.30 3.47
N HIS A 394 -1.95 5.46 4.62
CA HIS A 394 -1.94 6.76 5.31
C HIS A 394 -2.00 6.60 6.83
N PRO A 395 -1.03 5.86 7.41
CA PRO A 395 -1.11 5.68 8.87
C PRO A 395 -1.07 7.05 9.55
N GLY A 396 -1.90 7.22 10.59
CA GLY A 396 -1.99 8.48 11.31
C GLY A 396 -2.83 9.56 10.65
N GLY A 397 -3.32 9.28 9.43
CA GLY A 397 -4.04 10.28 8.63
C GLY A 397 -5.52 10.04 8.51
N THR A 398 -6.30 11.13 8.59
CA THR A 398 -7.77 11.13 8.60
C THR A 398 -8.30 12.15 7.59
N LYS A 399 -9.36 11.79 6.86
CA LYS A 399 -10.13 12.74 6.04
C LYS A 399 -10.99 13.61 6.95
N MET A 400 -10.64 14.90 7.02
CA MET A 400 -11.33 15.86 7.88
C MET A 400 -10.87 17.29 7.57
N PRO A 401 -11.68 18.29 7.97
CA PRO A 401 -11.19 19.68 7.88
C PRO A 401 -10.16 20.00 8.96
N VAL A 402 -9.29 20.95 8.66
CA VAL A 402 -8.37 21.54 9.64
C VAL A 402 -7.91 22.90 9.12
N CYS A 403 -7.64 23.82 10.07
CA CYS A 403 -7.02 25.11 9.77
C CYS A 403 -7.72 25.90 8.65
N GLY A 404 -9.05 25.84 8.61
CA GLY A 404 -9.82 26.54 7.58
C GLY A 404 -9.56 26.01 6.19
N SER A 405 -9.42 24.69 6.09
CA SER A 405 -9.21 24.03 4.82
C SER A 405 -10.42 24.17 3.89
N THR A 406 -10.15 24.10 2.59
CA THR A 406 -11.21 24.05 1.59
CA THR A 406 -11.22 24.05 1.60
C THR A 406 -11.77 22.62 1.60
N GLY A 407 -12.96 22.46 2.16
CA GLY A 407 -13.51 21.13 2.40
C GLY A 407 -12.59 20.33 3.32
N ASP A 408 -12.66 19.01 3.20
CA ASP A 408 -11.77 18.14 3.96
C ASP A 408 -10.36 18.12 3.37
N ALA A 409 -9.41 17.72 4.21
CA ALA A 409 -8.02 17.52 3.85
C ALA A 409 -7.58 16.17 4.39
N LEU A 410 -6.37 15.73 4.07
CA LEU A 410 -5.80 14.56 4.72
C LEU A 410 -4.92 15.04 5.88
N VAL A 411 -5.33 14.72 7.09
CA VAL A 411 -4.85 15.39 8.30
C VAL A 411 -4.20 14.41 9.27
N PHE A 412 -3.06 14.80 9.83
CA PHE A 412 -2.30 13.94 10.75
C PHE A 412 -2.27 14.61 12.11
N ILE A 413 -3.32 14.36 12.89
CA ILE A 413 -3.58 15.05 14.15
C ILE A 413 -3.73 14.09 15.33
N GLU A 414 -4.29 12.90 15.08
CA GLU A 414 -4.55 11.97 16.19
C GLU A 414 -3.22 11.47 16.76
N LYS A 415 -3.25 11.05 18.02
CA LYS A 415 -2.11 10.39 18.64
C LYS A 415 -1.65 9.25 17.75
N ALA A 416 -0.37 9.21 17.45
CA ALA A 416 0.18 8.21 16.55
C ALA A 416 1.68 8.09 16.75
N SER A 417 2.19 6.92 16.41
CA SER A 417 3.60 6.64 16.46
C SER A 417 4.17 6.71 15.04
N THR A 418 3.30 6.55 14.05
CA THR A 418 3.67 6.63 12.64
C THR A 418 2.72 7.56 11.89
N ARG A 419 3.29 8.48 11.12
CA ARG A 419 2.53 9.38 10.27
C ARG A 419 3.19 9.48 8.91
N TYR A 420 2.55 8.86 7.91
CA TYR A 420 2.92 9.06 6.52
C TYR A 420 1.76 8.78 5.57
N VAL A 421 1.93 9.17 4.33
CA VAL A 421 0.95 8.84 3.32
C VAL A 421 1.67 8.54 2.02
N VAL A 422 1.28 7.43 1.41
CA VAL A 422 1.88 6.98 0.16
C VAL A 422 0.85 7.01 -0.98
N THR A 423 1.26 7.56 -2.13
CA THR A 423 0.41 7.54 -3.33
C THR A 423 0.56 6.25 -4.11
N THR A 424 -0.41 5.94 -4.97
CA THR A 424 -0.18 4.97 -6.01
C THR A 424 0.82 5.53 -7.05
N ASP A 425 1.23 4.67 -7.98
CA ASP A 425 2.20 5.04 -9.00
C ASP A 425 1.56 5.81 -10.15
N ILE A 426 2.31 6.77 -10.69
CA ILE A 426 1.97 7.45 -11.95
C ILE A 426 3.23 7.47 -12.84
N ALA A 427 3.02 7.64 -14.15
CA ALA A 427 4.16 7.83 -15.06
C ALA A 427 4.58 9.26 -14.89
N VAL A 428 5.89 9.47 -14.72
CA VAL A 428 6.46 10.81 -14.56
C VAL A 428 7.39 11.09 -15.74
N ASN A 429 7.22 12.24 -16.38
CA ASN A 429 8.06 12.62 -17.52
C ASN A 429 8.65 14.03 -17.35
N GLU A 430 9.27 14.54 -18.40
CA GLU A 430 9.92 15.87 -18.36
C GLU A 430 8.96 17.02 -18.02
N ASP A 431 7.68 16.85 -18.34
CA ASP A 431 6.67 17.89 -18.11
C ASP A 431 5.95 17.76 -16.77
N SER A 432 6.35 16.78 -15.96
CA SER A 432 5.69 16.51 -14.69
C SER A 432 6.11 17.44 -13.55
N PHE A 433 5.13 17.81 -12.73
CA PHE A 433 5.37 18.62 -11.53
C PHE A 433 4.44 18.17 -10.40
N LEU A 434 4.84 18.53 -9.18
CA LEU A 434 4.07 18.25 -7.98
C LEU A 434 3.64 19.57 -7.37
N GLN A 435 2.37 19.65 -7.03
CA GLN A 435 1.78 20.87 -6.52
C GLN A 435 0.74 20.51 -5.45
N ILE A 436 0.98 20.94 -4.21
CA ILE A 436 0.08 20.63 -3.10
C ILE A 436 -0.11 21.85 -2.21
N ASP A 437 -1.18 21.86 -1.43
CA ASP A 437 -1.30 22.75 -0.28
C ASP A 437 -0.89 21.93 0.92
N PHE A 438 -0.13 22.55 1.81
CA PHE A 438 0.38 21.89 3.00
C PHE A 438 0.21 22.82 4.19
N ALA A 439 -0.12 22.27 5.35
CA ALA A 439 -0.15 23.05 6.58
C ALA A 439 0.46 22.24 7.71
N ALA A 440 1.09 22.93 8.66
CA ALA A 440 1.59 22.27 9.85
C ALA A 440 0.53 22.37 10.97
N SER A 441 0.89 22.91 12.14
CA SER A 441 -0.04 22.90 13.28
C SER A 441 -1.02 24.08 13.39
N CYS A 442 -0.98 25.03 12.46
CA CYS A 442 -1.92 26.15 12.47
C CYS A 442 -1.88 26.86 13.83
N SER A 443 -0.66 27.14 14.30
CA SER A 443 -0.39 27.85 15.55
C SER A 443 -0.77 27.08 16.82
N VAL A 444 -1.01 25.78 16.70
CA VAL A 444 -1.24 24.96 17.90
C VAL A 444 0.06 24.82 18.70
N THR A 445 1.17 24.61 17.98
CA THR A 445 2.48 24.55 18.62
C THR A 445 3.42 25.55 17.93
N ASP A 446 4.46 25.98 18.65
CA ASP A 446 5.49 26.86 18.07
C ASP A 446 6.76 26.08 17.76
N SER A 447 6.66 24.76 17.85
CA SER A 447 7.75 23.83 17.57
C SER A 447 8.26 23.94 16.12
N CYS A 448 9.57 23.84 15.95
CA CYS A 448 10.20 23.79 14.63
C CYS A 448 10.35 22.34 14.16
N TYR A 449 9.60 21.97 13.14
CA TYR A 449 9.69 20.63 12.55
C TYR A 449 9.39 20.66 11.07
N ALA A 450 9.74 19.57 10.39
CA ALA A 450 9.55 19.46 8.98
C ALA A 450 9.04 18.09 8.59
N ILE A 451 8.31 18.03 7.49
CA ILE A 451 7.75 16.79 6.99
C ILE A 451 8.49 16.49 5.72
N GLU A 452 8.99 15.26 5.60
CA GLU A 452 9.81 14.84 4.47
C GLU A 452 8.92 14.53 3.27
N LEU A 453 9.35 14.96 2.09
CA LEU A 453 8.69 14.54 0.86
C LEU A 453 9.66 13.68 0.06
N GLU A 454 9.19 12.50 -0.29
CA GLU A 454 10.02 11.43 -0.85
C GLU A 454 9.38 10.82 -2.08
N TYR A 455 10.19 10.14 -2.89
CA TYR A 455 9.69 9.42 -4.07
C TYR A 455 10.25 8.01 -4.08
N SER A 456 9.53 7.08 -4.70
CA SER A 456 10.08 5.75 -4.99
C SER A 456 9.84 5.39 -6.44
N VAL A 457 10.83 4.75 -7.06
CA VAL A 457 10.67 4.20 -8.41
C VAL A 457 10.62 2.66 -8.41
N ASP A 458 10.47 2.07 -7.23
CA ASP A 458 10.54 0.62 -7.09
C ASP A 458 9.42 0.07 -6.20
N LEU A 459 8.23 0.69 -6.31
CA LEU A 459 7.00 0.22 -5.63
C LEU A 459 7.07 0.34 -4.09
N GLY A 460 7.85 1.32 -3.64
CA GLY A 460 8.02 1.54 -2.21
C GLY A 460 9.09 0.72 -1.52
N LEU A 461 9.86 -0.06 -2.28
CA LEU A 461 10.98 -0.83 -1.70
C LEU A 461 12.07 0.09 -1.12
N SER A 462 12.32 1.22 -1.80
CA SER A 462 13.19 2.28 -1.28
C SER A 462 12.58 3.67 -1.56
N TRP A 463 12.77 4.58 -0.61
CA TRP A 463 12.26 5.93 -0.69
C TRP A 463 13.44 6.89 -0.61
N HIS A 464 13.41 7.94 -1.41
CA HIS A 464 14.51 8.90 -1.51
C HIS A 464 13.94 10.31 -1.47
N PRO A 465 14.66 11.26 -0.82
CA PRO A 465 14.11 12.61 -0.75
C PRO A 465 13.88 13.19 -2.15
N LEU A 466 12.71 13.80 -2.35
CA LEU A 466 12.37 14.40 -3.64
C LEU A 466 13.29 15.56 -4.00
N VAL A 467 13.52 16.46 -3.04
CA VAL A 467 14.40 17.62 -3.22
C VAL A 467 15.72 17.35 -2.49
N ARG A 468 16.82 17.45 -3.22
CA ARG A 468 18.14 17.22 -2.66
C ARG A 468 18.75 18.51 -2.12
N ASP A 469 19.65 18.37 -1.13
CA ASP A 469 20.43 19.49 -0.63
C ASP A 469 21.39 19.89 -1.74
N CYS A 470 21.08 21.01 -2.38
CA CYS A 470 21.93 21.51 -3.46
C CYS A 470 21.90 23.03 -3.51
N LEU A 471 22.96 23.64 -3.01
CA LEU A 471 23.03 25.10 -2.98
C LEU A 471 23.50 25.64 -4.34
N PRO A 472 22.79 26.67 -4.87
CA PRO A 472 23.18 27.29 -6.14
C PRO A 472 24.62 27.82 -6.12
N THR A 473 25.23 27.81 -4.93
CA THR A 473 26.64 28.22 -4.76
C THR A 473 27.58 27.02 -4.82
N ASN A 474 27.00 25.82 -4.74
CA ASN A 474 27.73 24.56 -4.76
C ASN A 474 28.70 24.40 -3.58
N VAL A 475 28.39 25.08 -2.48
CA VAL A 475 29.15 24.98 -1.23
C VAL A 475 28.78 23.69 -0.52
N GLU A 476 27.48 23.37 -0.54
CA GLU A 476 26.97 22.07 -0.08
C GLU A 476 26.12 21.45 -1.17
N CYS A 477 26.40 20.18 -1.47
CA CYS A 477 25.73 19.45 -2.53
C CYS A 477 25.90 17.94 -2.31
N SER A 478 24.77 17.22 -2.27
CA SER A 478 24.81 15.75 -2.16
C SER A 478 23.64 15.09 -2.90
N LEU A 482 19.13 15.65 1.74
CA LEU A 482 17.81 16.25 1.55
C LEU A 482 17.72 17.71 2.02
N GLN A 483 16.83 18.48 1.38
CA GLN A 483 16.57 19.86 1.75
C GLN A 483 15.19 19.91 2.39
N ARG A 484 15.12 20.42 3.62
CA ARG A 484 13.84 20.54 4.33
C ARG A 484 13.01 21.64 3.68
N ILE A 485 11.81 21.26 3.25
CA ILE A 485 10.96 22.12 2.44
C ILE A 485 9.67 22.44 3.17
N LEU A 486 9.01 21.39 3.66
CA LEU A 486 7.73 21.51 4.33
C LEU A 486 7.94 21.78 5.82
N VAL A 487 8.23 23.03 6.14
CA VAL A 487 8.63 23.41 7.49
C VAL A 487 7.51 24.14 8.22
N SER A 488 7.45 23.94 9.53
CA SER A 488 6.31 24.33 10.34
C SER A 488 6.11 25.83 10.58
N ASP A 489 7.13 26.65 10.34
CA ASP A 489 6.94 28.08 10.50
C ASP A 489 6.39 28.70 9.21
N THR A 490 7.13 28.54 8.12
CA THR A 490 6.70 29.00 6.79
C THR A 490 5.36 28.39 6.34
N PHE A 491 5.14 27.11 6.69
CA PHE A 491 3.90 26.42 6.35
C PHE A 491 2.98 26.22 7.55
N ASN A 492 3.06 27.13 8.51
CA ASN A 492 2.21 27.06 9.70
C ASN A 492 0.74 26.88 9.33
N LYS A 493 0.28 27.69 8.37
CA LYS A 493 -1.08 27.61 7.82
C LYS A 493 -1.03 27.25 6.33
N TRP A 494 -2.19 26.97 5.73
CA TRP A 494 -2.25 26.41 4.37
C TRP A 494 -1.43 27.23 3.38
N THR A 495 -0.44 26.55 2.79
CA THR A 495 0.52 27.20 1.88
C THR A 495 0.76 26.27 0.69
N ARG A 496 0.76 26.82 -0.52
CA ARG A 496 0.99 26.02 -1.71
C ARG A 496 2.48 25.88 -1.99
N ILE A 497 2.87 24.69 -2.41
CA ILE A 497 4.20 24.48 -2.98
C ILE A 497 4.08 23.79 -4.34
N THR A 498 4.87 24.26 -5.29
CA THR A 498 4.91 23.72 -6.65
C THR A 498 6.36 23.40 -6.94
N LEU A 499 6.61 22.15 -7.35
CA LEU A 499 7.94 21.63 -7.61
C LEU A 499 7.99 20.93 -8.97
N PRO A 500 8.81 21.45 -9.92
CA PRO A 500 9.04 20.61 -11.10
C PRO A 500 9.67 19.29 -10.64
N LEU A 501 9.24 18.17 -11.20
CA LEU A 501 9.78 16.88 -10.78
C LEU A 501 11.14 16.63 -11.45
N PRO A 502 12.18 16.40 -10.63
CA PRO A 502 13.54 16.21 -11.15
C PRO A 502 13.67 14.96 -12.01
N SER A 503 14.70 14.95 -12.86
CA SER A 503 14.96 13.87 -13.80
C SER A 503 15.00 12.49 -13.15
N TYR A 504 15.55 12.40 -11.95
CA TYR A 504 15.70 11.11 -11.27
C TYR A 504 14.36 10.49 -10.83
N THR A 505 13.28 11.25 -10.88
CA THR A 505 11.95 10.72 -10.53
C THR A 505 11.21 10.19 -11.76
N ARG A 506 11.79 10.36 -12.94
CA ARG A 506 11.12 9.96 -14.19
C ARG A 506 11.12 8.45 -14.31
N SER A 507 9.93 7.90 -14.55
CA SER A 507 9.77 6.46 -14.77
C SER A 507 8.33 6.24 -15.20
N GLN A 508 8.01 5.00 -15.56
CA GLN A 508 6.64 4.64 -15.89
C GLN A 508 5.80 4.37 -14.63
N ALA A 509 6.46 4.33 -13.48
CA ALA A 509 5.77 4.09 -12.22
C ALA A 509 6.54 4.68 -11.06
N THR A 510 6.26 5.95 -10.77
CA THR A 510 6.85 6.63 -9.62
C THR A 510 5.74 6.92 -8.62
N ARG A 511 6.02 6.68 -7.35
CA ARG A 511 5.07 7.02 -6.27
C ARG A 511 5.74 7.96 -5.26
N PHE A 512 4.92 8.60 -4.44
CA PHE A 512 5.37 9.66 -3.56
C PHE A 512 4.93 9.40 -2.13
N ARG A 513 5.71 9.93 -1.18
CA ARG A 513 5.41 9.76 0.23
C ARG A 513 5.70 11.04 1.00
N TRP A 514 4.74 11.47 1.82
CA TRP A 514 4.97 12.48 2.83
C TRP A 514 5.21 11.73 4.11
N HIS A 515 6.36 11.97 4.72
CA HIS A 515 6.78 11.16 5.86
C HIS A 515 7.20 12.05 7.03
N GLN A 516 6.60 11.82 8.20
CA GLN A 516 7.07 12.45 9.44
C GLN A 516 7.94 11.45 10.21
N PRO A 517 9.27 11.64 10.18
CA PRO A 517 10.10 10.59 10.77
C PRO A 517 9.93 10.52 12.29
N ALA A 518 9.87 9.30 12.81
CA ALA A 518 9.83 9.08 14.26
C ALA A 518 11.23 9.26 14.83
N PRO A 519 11.34 9.79 16.07
CA PRO A 519 10.23 10.18 16.92
C PRO A 519 9.75 11.61 16.67
N PHE A 520 8.44 11.81 16.82
CA PHE A 520 7.83 13.11 16.69
C PHE A 520 6.83 13.27 17.82
N ASP A 521 6.44 14.51 18.10
CA ASP A 521 5.46 14.80 19.14
C ASP A 521 4.06 14.85 18.56
N LYS A 522 3.07 14.42 19.35
CA LYS A 522 1.64 14.44 18.95
C LYS A 522 1.20 15.80 18.37
N GLN A 523 1.67 16.88 18.99
CA GLN A 523 1.25 18.24 18.65
C GLN A 523 1.88 18.74 17.35
N GLN A 524 2.92 18.03 16.90
CA GLN A 524 3.57 18.35 15.62
C GLN A 524 2.75 17.81 14.43
N THR A 525 1.59 18.42 14.23
CA THR A 525 0.62 17.92 13.30
C THR A 525 0.81 18.56 11.94
N TRP A 526 0.09 18.04 10.96
CA TRP A 526 0.23 18.49 9.57
C TRP A 526 -0.89 17.94 8.72
N ALA A 527 -1.01 18.48 7.51
CA ALA A 527 -2.08 18.09 6.59
C ALA A 527 -1.73 18.45 5.16
N ILE A 528 -2.33 17.74 4.22
CA ILE A 528 -2.21 18.05 2.79
C ILE A 528 -3.60 18.17 2.19
N ASP A 529 -3.73 19.00 1.15
CA ASP A 529 -4.98 19.19 0.42
C ASP A 529 -4.61 19.65 -0.98
N ASN A 530 -5.59 19.65 -1.88
CA ASN A 530 -5.42 20.16 -3.25
C ASN A 530 -4.16 19.66 -3.95
N VAL A 531 -4.04 18.34 -4.02
CA VAL A 531 -2.87 17.67 -4.55
C VAL A 531 -3.03 17.59 -6.05
N TYR A 532 -1.97 17.96 -6.76
CA TYR A 532 -1.87 17.70 -8.19
C TYR A 532 -0.46 17.23 -8.49
N ILE A 533 -0.34 16.00 -8.98
CA ILE A 533 0.93 15.51 -9.48
C ILE A 533 0.64 15.06 -10.90
N GLY A 534 1.25 15.74 -11.86
CA GLY A 534 0.99 15.44 -13.25
C GLY A 534 1.67 16.37 -14.24
N ASP A 535 1.38 16.17 -15.51
CA ASP A 535 2.04 16.90 -16.59
C ASP A 535 1.07 17.79 -17.39
N GLY A 536 -0.08 18.09 -16.79
CA GLY A 536 -1.09 18.90 -17.45
C GLY A 536 -0.86 20.39 -17.31
N CYS A 537 -1.82 21.18 -17.78
CA CYS A 537 -1.73 22.64 -17.74
C CYS A 537 -0.46 23.06 -18.50
N LEU A 538 0.07 24.24 -18.21
CA LEU A 538 1.35 24.65 -18.78
C LEU A 538 1.93 25.70 -17.86
N ASP A 539 3.26 25.81 -17.86
CA ASP A 539 3.98 26.77 -17.01
C ASP A 539 3.74 26.58 -15.51
N MET A 540 3.23 25.40 -15.14
CA MET A 540 2.85 25.08 -13.76
C MET A 540 1.95 26.16 -13.17
N CYS A 541 1.13 26.75 -14.03
CA CYS A 541 0.18 27.80 -13.66
C CYS A 541 0.86 29.09 -13.15
N SER A 542 2.14 29.23 -13.51
CA SER A 542 2.92 30.47 -13.35
C SER A 542 3.16 30.90 -11.90
N GLY A 543 2.87 30.01 -10.96
CA GLY A 543 3.02 30.31 -9.52
C GLY A 543 1.80 31.00 -8.93
N HIS A 544 0.79 31.23 -9.76
CA HIS A 544 -0.40 31.99 -9.36
C HIS A 544 -1.72 31.25 -9.60
N GLY A 545 -1.63 29.93 -9.61
CA GLY A 545 -2.83 29.10 -9.74
C GLY A 545 -2.53 27.64 -9.47
N ARG A 546 -3.59 26.84 -9.55
CA ARG A 546 -3.51 25.41 -9.34
C ARG A 546 -3.99 24.71 -10.59
N CYS A 547 -3.34 23.60 -10.94
CA CYS A 547 -3.84 22.75 -12.03
C CYS A 547 -4.99 21.89 -11.51
N VAL A 548 -6.15 22.01 -12.16
CA VAL A 548 -7.32 21.19 -11.87
C VAL A 548 -7.85 20.61 -13.18
N GLN A 549 -7.80 19.29 -13.31
CA GLN A 549 -8.28 18.57 -14.49
C GLN A 549 -7.77 19.16 -15.82
N GLY A 550 -6.48 19.50 -15.85
CA GLY A 550 -5.83 19.97 -17.07
C GLY A 550 -6.01 21.44 -17.37
N SER A 551 -6.62 22.17 -16.42
CA SER A 551 -6.86 23.60 -16.56
CA SER A 551 -6.84 23.61 -16.55
C SER A 551 -6.39 24.35 -15.31
N CYS A 552 -5.73 25.49 -15.51
CA CYS A 552 -5.27 26.31 -14.42
C CYS A 552 -6.45 27.04 -13.77
N VAL A 553 -6.49 27.00 -12.44
CA VAL A 553 -7.47 27.75 -11.66
C VAL A 553 -6.69 28.82 -10.92
N CYS A 554 -6.93 30.08 -11.27
CA CYS A 554 -6.06 31.15 -10.83
C CYS A 554 -6.39 31.64 -9.43
N ASP A 555 -5.36 32.14 -8.74
CA ASP A 555 -5.52 32.76 -7.45
C ASP A 555 -6.31 34.06 -7.64
N GLU A 556 -6.88 34.58 -6.56
CA GLU A 556 -7.48 35.91 -6.61
C GLU A 556 -6.42 36.91 -7.07
N GLN A 557 -6.84 37.88 -7.87
CA GLN A 557 -5.98 38.95 -8.41
C GLN A 557 -5.09 38.52 -9.60
N TRP A 558 -5.27 37.28 -10.07
CA TRP A 558 -4.53 36.76 -11.21
C TRP A 558 -5.44 36.14 -12.25
N GLY A 559 -5.09 36.33 -13.52
CA GLY A 559 -5.87 35.77 -14.62
C GLY A 559 -5.02 35.31 -15.79
N GLY A 560 -5.68 35.06 -16.91
CA GLY A 560 -5.02 34.51 -18.09
C GLY A 560 -5.09 33.00 -18.07
N LEU A 561 -4.88 32.39 -19.24
CA LEU A 561 -4.97 30.94 -19.39
C LEU A 561 -4.09 30.19 -18.37
N TYR A 562 -2.87 30.67 -18.18
CA TYR A 562 -1.93 30.04 -17.22
C TYR A 562 -1.65 30.89 -15.98
N CYS A 563 -2.53 31.84 -15.69
CA CYS A 563 -2.50 32.61 -14.44
C CYS A 563 -1.29 33.55 -14.35
N ASP A 564 -0.84 34.03 -15.50
CA ASP A 564 0.34 34.91 -15.56
C ASP A 564 -0.03 36.40 -15.63
N GLU A 565 -1.32 36.70 -15.74
CA GLU A 565 -1.76 38.09 -15.93
C GLU A 565 -2.33 38.69 -14.64
N PRO A 566 -1.64 39.68 -14.06
CA PRO A 566 -2.19 40.31 -12.84
C PRO A 566 -3.41 41.16 -13.18
N GLU A 567 -4.43 41.10 -12.31
CA GLU A 567 -5.63 41.90 -12.51
C GLU A 567 -5.37 43.38 -12.27
N THR A 568 -4.47 43.68 -11.33
CA THR A 568 -4.02 45.06 -11.10
C THR A 568 -2.52 45.18 -11.29
N SER A 569 -2.09 46.28 -11.91
CA SER A 569 -0.67 46.54 -12.17
C SER A 569 0.20 46.28 -10.96
N LEU A 570 1.31 45.57 -11.18
CA LEU A 570 2.29 45.33 -10.14
C LEU A 570 3.08 46.60 -9.82
N PRO A 571 3.54 46.74 -8.56
CA PRO A 571 4.44 47.84 -8.24
C PRO A 571 5.71 47.77 -9.09
N THR A 572 6.29 48.94 -9.39
CA THR A 572 7.50 49.01 -10.19
C THR A 572 8.74 49.28 -9.33
N GLN A 573 8.52 49.42 -8.03
CA GLN A 573 9.61 49.65 -7.08
C GLN A 573 9.23 49.10 -5.71
N LEU A 574 10.24 48.88 -4.87
CA LEU A 574 10.02 48.46 -3.49
C LEU A 574 10.99 49.19 -2.58
N LYS A 575 10.46 49.75 -1.50
CA LYS A 575 11.28 50.50 -0.55
C LYS A 575 10.76 50.16 0.84
N ASP A 576 11.68 49.80 1.72
CA ASP A 576 11.34 49.54 3.12
C ASP A 576 12.50 49.93 4.04
N ASN A 577 12.24 50.88 4.94
CA ASN A 577 13.20 51.29 5.97
C ASN A 577 13.08 50.49 7.27
N PHE A 578 12.13 49.57 7.28
CA PHE A 578 11.90 48.64 8.41
C PHE A 578 11.72 49.33 9.75
N ASN A 579 11.11 50.52 9.73
CA ASN A 579 10.80 51.23 10.96
C ASN A 579 9.37 50.97 11.44
N ARG A 580 8.60 50.25 10.62
CA ARG A 580 7.28 49.73 11.00
C ARG A 580 7.20 48.24 10.61
N ALA A 581 6.31 47.49 11.26
CA ALA A 581 6.14 46.06 11.01
C ALA A 581 6.06 45.77 9.51
N PRO A 582 6.82 44.76 9.02
CA PRO A 582 6.78 44.43 7.60
C PRO A 582 5.35 44.26 7.09
N SER A 583 5.03 44.89 5.96
CA SER A 583 3.68 44.93 5.42
C SER A 583 3.51 43.95 4.25
N ASN A 584 2.32 43.37 4.13
CA ASN A 584 2.03 42.47 2.99
C ASN A 584 1.97 43.18 1.63
N GLN A 585 2.06 44.51 1.65
CA GLN A 585 2.22 45.29 0.43
C GLN A 585 3.62 45.12 -0.17
N ASN A 586 4.59 44.84 0.70
CA ASN A 586 5.98 44.64 0.28
C ASN A 586 6.45 43.20 0.37
N TRP A 587 5.95 42.48 1.38
CA TRP A 587 6.48 41.17 1.72
C TRP A 587 5.42 40.06 1.68
N LEU A 588 5.77 38.95 1.03
CA LEU A 588 4.92 37.78 1.00
C LEU A 588 5.24 36.87 2.16
N THR A 589 6.52 36.85 2.56
CA THR A 589 6.98 35.92 3.59
C THR A 589 8.04 36.58 4.45
N VAL A 590 7.86 36.51 5.77
CA VAL A 590 8.90 36.85 6.74
C VAL A 590 8.93 35.74 7.79
N SER A 591 9.93 34.86 7.75
CA SER A 591 10.07 33.81 8.77
C SER A 591 11.37 34.02 9.53
N GLY A 592 11.32 33.91 10.85
CA GLY A 592 12.52 33.97 11.69
C GLY A 592 13.15 35.34 11.87
N GLY A 593 12.42 36.38 11.46
CA GLY A 593 12.93 37.75 11.49
C GLY A 593 11.98 38.69 12.15
N LYS A 594 12.52 39.63 12.92
CA LYS A 594 11.71 40.64 13.58
C LYS A 594 12.49 41.95 13.71
N LEU A 595 11.76 43.05 13.74
CA LEU A 595 12.39 44.35 13.90
C LEU A 595 13.04 44.41 15.26
N SER A 596 14.29 44.87 15.32
CA SER A 596 14.95 45.16 16.60
C SER A 596 16.06 46.21 16.50
N THR A 597 16.61 46.57 17.67
CA THR A 597 17.73 47.50 17.79
C THR A 597 18.99 46.78 18.27
N VAL A 598 18.93 45.45 18.33
CA VAL A 598 20.04 44.62 18.79
C VAL A 598 21.33 44.84 17.98
N CYS A 599 21.18 45.12 16.69
CA CYS A 599 22.32 45.29 15.80
C CYS A 599 22.97 46.66 15.89
N GLY A 600 22.37 47.57 16.65
CA GLY A 600 22.70 48.99 16.55
C GLY A 600 22.10 49.51 15.25
N ALA A 601 22.64 50.62 14.75
CA ALA A 601 22.21 51.13 13.45
C ALA A 601 22.84 50.30 12.32
N VAL A 602 21.99 49.69 11.51
CA VAL A 602 22.42 49.00 10.30
C VAL A 602 22.36 50.04 9.18
N ALA A 603 21.18 50.64 8.98
CA ALA A 603 21.07 51.93 8.31
C ALA A 603 20.68 52.94 9.39
N SER A 604 19.46 52.84 9.88
CA SER A 604 19.01 53.66 11.01
C SER A 604 17.82 53.03 11.70
N GLY A 605 17.68 53.33 12.99
CA GLY A 605 16.57 52.84 13.79
C GLY A 605 16.50 51.33 13.78
N LEU A 606 15.28 50.82 13.64
CA LEU A 606 15.04 49.39 13.63
C LEU A 606 15.58 48.74 12.35
N ALA A 607 16.04 47.52 12.49
CA ALA A 607 16.40 46.69 11.34
C ALA A 607 15.60 45.41 11.45
N LEU A 608 15.39 44.75 10.32
CA LEU A 608 14.76 43.44 10.34
C LEU A 608 15.84 42.40 10.66
N HIS A 609 15.78 41.88 11.87
CA HIS A 609 16.83 41.01 12.39
C HIS A 609 16.38 39.56 12.39
N PHE A 610 17.14 38.71 11.67
CA PHE A 610 16.87 37.29 11.57
C PHE A 610 17.69 36.47 12.56
N SER A 611 17.06 35.99 13.62
CA SER A 611 17.77 35.21 14.64
C SER A 611 16.98 33.99 15.12
N GLY A 612 15.84 33.73 14.48
CA GLY A 612 14.96 32.62 14.83
C GLY A 612 15.66 31.27 14.80
N GLY A 613 15.12 30.32 15.55
CA GLY A 613 15.68 28.97 15.61
C GLY A 613 15.27 28.05 14.47
N CYS A 614 14.37 28.51 13.62
CA CYS A 614 13.80 27.68 12.56
C CYS A 614 14.20 28.27 11.20
N SER A 615 13.25 28.56 10.33
CA SER A 615 13.55 29.16 9.03
C SER A 615 13.91 30.62 9.17
N ARG A 616 14.82 31.09 8.30
CA ARG A 616 15.08 32.52 8.15
C ARG A 616 14.94 32.86 6.68
N LEU A 617 13.86 33.55 6.36
CA LEU A 617 13.43 33.69 4.98
C LEU A 617 12.65 34.98 4.82
N LEU A 618 12.99 35.72 3.77
CA LEU A 618 12.36 36.99 3.47
C LEU A 618 12.05 37.06 1.97
N VAL A 619 10.77 37.16 1.61
CA VAL A 619 10.37 37.14 0.21
C VAL A 619 9.51 38.36 -0.11
N THR A 620 9.85 39.06 -1.19
CA THR A 620 9.09 40.22 -1.64
C THR A 620 7.81 39.79 -2.34
N VAL A 621 6.88 40.72 -2.51
CA VAL A 621 5.78 40.54 -3.45
C VAL A 621 6.34 40.52 -4.88
N ASP A 622 5.52 40.15 -5.84
CA ASP A 622 5.89 40.28 -7.25
C ASP A 622 5.89 41.75 -7.71
N LEU A 623 6.92 42.10 -8.47
CA LEU A 623 7.12 43.47 -8.93
C LEU A 623 7.34 43.50 -10.44
N ASN A 624 6.89 44.58 -11.07
CA ASN A 624 7.18 44.87 -12.47
C ASN A 624 8.53 45.58 -12.54
N LEU A 625 9.58 44.83 -12.89
CA LEU A 625 10.93 45.39 -12.90
C LEU A 625 11.51 45.58 -14.31
N THR A 626 10.63 45.65 -15.30
CA THR A 626 11.04 45.85 -16.70
C THR A 626 11.97 47.05 -16.88
N ASN A 627 11.70 48.14 -16.15
CA ASN A 627 12.47 49.37 -16.26
C ASN A 627 13.32 49.70 -15.04
N ALA A 628 13.18 48.90 -13.98
CA ALA A 628 13.98 49.09 -12.77
C ALA A 628 15.45 48.80 -13.06
N GLU A 629 16.35 49.33 -12.22
CA GLU A 629 17.79 49.24 -12.49
C GLU A 629 18.60 48.49 -11.43
N PHE A 630 18.22 48.63 -10.16
CA PHE A 630 19.02 48.11 -9.07
C PHE A 630 18.23 47.52 -7.90
N ILE A 631 18.89 46.68 -7.12
CA ILE A 631 18.43 46.30 -5.79
C ILE A 631 19.53 46.64 -4.79
N GLN A 632 19.18 47.40 -3.76
CA GLN A 632 20.15 47.80 -2.75
C GLN A 632 19.62 47.61 -1.34
N PHE A 633 20.53 47.50 -0.39
CA PHE A 633 20.17 47.33 1.02
C PHE A 633 21.39 47.43 1.91
N TYR A 634 21.15 47.68 3.19
CA TYR A 634 22.18 47.65 4.21
C TYR A 634 22.10 46.30 4.91
N PHE A 635 23.25 45.77 5.32
CA PHE A 635 23.33 44.39 5.79
C PHE A 635 24.36 44.23 6.89
N MET A 636 24.07 43.38 7.86
CA MET A 636 24.99 43.06 8.93
C MET A 636 24.88 41.60 9.34
N TYR A 637 26.03 40.96 9.60
CA TYR A 637 26.09 39.62 10.18
C TYR A 637 26.54 39.69 11.63
N GLY A 638 26.10 38.72 12.43
CA GLY A 638 26.65 38.48 13.75
C GLY A 638 26.42 39.56 14.79
N CYS A 639 25.24 40.17 14.79
CA CYS A 639 24.84 41.07 15.85
C CYS A 639 24.88 40.34 17.19
N LEU A 640 24.61 39.03 17.16
CA LEU A 640 24.67 38.18 18.34
C LEU A 640 25.84 37.21 18.26
N ILE A 641 25.79 36.32 17.27
CA ILE A 641 26.81 35.29 17.04
C ILE A 641 27.20 35.31 15.56
N THR A 642 28.49 35.48 15.28
CA THR A 642 28.99 35.51 13.91
C THR A 642 28.79 34.15 13.18
N PRO A 643 28.45 34.18 11.88
CA PRO A 643 28.36 32.94 11.08
C PRO A 643 29.69 32.17 11.07
N SER A 644 29.61 30.86 11.28
CA SER A 644 30.81 30.03 11.49
C SER A 644 31.32 29.32 10.25
N ASN A 645 30.52 29.30 9.18
CA ASN A 645 30.98 28.77 7.89
C ASN A 645 30.15 29.19 6.66
N ARG A 646 30.72 28.94 5.47
CA ARG A 646 30.21 29.48 4.21
C ARG A 646 28.76 29.10 3.86
N ASN A 647 28.35 27.88 4.20
CA ASN A 647 26.98 27.45 3.93
C ASN A 647 25.92 28.20 4.75
N GLN A 648 26.37 29.05 5.68
CA GLN A 648 25.48 29.90 6.47
C GLN A 648 25.30 31.29 5.86
N GLY A 649 25.91 31.51 4.71
CA GLY A 649 25.75 32.76 3.99
C GLY A 649 24.37 32.86 3.40
N VAL A 650 23.73 34.01 3.64
CA VAL A 650 22.42 34.33 3.11
C VAL A 650 22.47 34.45 1.59
N LEU A 651 21.49 33.85 0.93
CA LEU A 651 21.44 33.86 -0.51
C LEU A 651 20.35 34.80 -1.00
N LEU A 652 20.72 35.72 -1.88
CA LEU A 652 19.75 36.61 -2.50
C LEU A 652 19.40 36.08 -3.88
N GLU A 653 18.14 35.70 -4.05
CA GLU A 653 17.69 35.09 -5.30
C GLU A 653 16.48 35.84 -5.86
N TYR A 654 16.25 35.68 -7.16
CA TYR A 654 15.02 36.20 -7.77
C TYR A 654 14.25 35.09 -8.48
N SER A 655 12.94 35.26 -8.56
CA SER A 655 12.07 34.32 -9.27
C SER A 655 11.20 35.09 -10.23
N VAL A 656 11.07 34.60 -11.46
CA VAL A 656 10.21 35.23 -12.45
C VAL A 656 8.96 34.39 -12.70
N ASN A 657 8.79 33.32 -11.93
CA ASN A 657 7.65 32.42 -12.09
C ASN A 657 6.86 32.18 -10.80
N GLY A 658 6.69 33.25 -10.03
CA GLY A 658 5.84 33.21 -8.85
C GLY A 658 6.38 32.30 -7.76
N GLY A 659 7.71 32.24 -7.64
CA GLY A 659 8.36 31.48 -6.59
C GLY A 659 8.53 29.99 -6.82
N ILE A 660 8.31 29.52 -8.05
CA ILE A 660 8.50 28.10 -8.33
C ILE A 660 10.00 27.78 -8.46
N THR A 661 10.72 28.58 -9.26
CA THR A 661 12.16 28.40 -9.43
C THR A 661 12.90 29.68 -9.11
N TRP A 662 14.12 29.53 -8.62
CA TRP A 662 14.92 30.65 -8.16
C TRP A 662 16.28 30.72 -8.85
N ASN A 663 16.74 31.94 -9.08
CA ASN A 663 18.02 32.22 -9.74
C ASN A 663 18.88 33.04 -8.79
N LEU A 664 20.13 32.60 -8.57
CA LEU A 664 21.00 33.27 -7.61
C LEU A 664 21.44 34.63 -8.12
N LEU A 665 21.29 35.66 -7.29
CA LEU A 665 21.83 36.98 -7.64
C LEU A 665 23.10 37.31 -6.84
N MET A 666 23.10 36.97 -5.56
CA MET A 666 24.25 37.23 -4.70
C MET A 666 24.34 36.26 -3.53
N GLU A 667 25.53 35.70 -3.33
CA GLU A 667 25.85 35.05 -2.06
C GLU A 667 26.41 36.10 -1.11
N ILE A 668 25.65 36.41 -0.06
CA ILE A 668 26.09 37.41 0.90
C ILE A 668 27.09 36.72 1.83
N PHE A 669 28.38 36.86 1.47
CA PHE A 669 29.44 36.02 2.03
C PHE A 669 29.54 36.08 3.55
N TYR A 670 29.63 34.91 4.18
CA TYR A 670 29.43 34.72 5.62
C TYR A 670 30.33 35.51 6.57
N ASP A 671 31.59 35.74 6.17
CA ASP A 671 32.55 36.32 7.09
C ASP A 671 32.73 37.81 6.84
N GLN A 672 31.91 38.34 5.94
CA GLN A 672 31.87 39.77 5.66
C GLN A 672 30.78 40.42 6.51
N TYR A 673 30.63 41.75 6.39
CA TYR A 673 29.54 42.50 7.04
C TYR A 673 29.51 42.36 8.58
N SER A 674 30.67 42.23 9.22
CA SER A 674 30.73 42.25 10.67
C SER A 674 30.37 43.66 11.18
N LYS A 675 30.65 44.65 10.35
CA LYS A 675 30.14 46.01 10.49
C LYS A 675 29.08 46.18 9.42
N PRO A 676 28.05 47.02 9.68
CA PRO A 676 27.02 47.22 8.65
C PRO A 676 27.64 47.68 7.33
N GLY A 677 27.25 47.01 6.26
CA GLY A 677 27.75 47.32 4.92
C GLY A 677 26.60 47.66 3.99
N PHE A 678 26.93 48.22 2.84
CA PHE A 678 25.93 48.61 1.87
C PHE A 678 26.10 47.76 0.61
N VAL A 679 24.99 47.17 0.16
CA VAL A 679 24.98 46.30 -1.01
C VAL A 679 24.18 47.00 -2.11
N ASN A 680 24.79 47.10 -3.29
CA ASN A 680 24.16 47.75 -4.44
C ASN A 680 24.44 46.90 -5.67
N ILE A 681 23.39 46.29 -6.21
CA ILE A 681 23.51 45.38 -7.36
C ILE A 681 22.65 45.85 -8.53
N LEU A 682 23.27 45.93 -9.70
CA LEU A 682 22.55 46.18 -10.94
C LEU A 682 21.77 44.94 -11.32
N LEU A 683 20.47 45.12 -11.58
CA LEU A 683 19.62 44.01 -11.96
C LEU A 683 20.05 43.47 -13.32
N PRO A 684 20.22 42.13 -13.41
CA PRO A 684 20.49 41.47 -14.69
C PRO A 684 19.27 41.49 -15.61
N PRO A 685 19.47 41.32 -16.94
CA PRO A 685 18.35 41.32 -17.88
C PRO A 685 17.19 40.39 -17.48
N ASP A 686 17.47 39.13 -17.17
CA ASP A 686 16.40 38.18 -16.89
C ASP A 686 15.69 38.41 -15.54
N ALA A 687 16.23 39.29 -14.72
CA ALA A 687 15.53 39.71 -13.50
C ALA A 687 14.59 40.88 -13.78
N LYS A 688 14.72 41.47 -14.96
CA LYS A 688 13.91 42.61 -15.36
C LYS A 688 12.70 42.14 -16.16
N GLU A 689 11.71 41.61 -15.44
CA GLU A 689 10.50 41.08 -16.05
C GLU A 689 9.25 41.73 -15.48
N ILE A 690 8.12 41.54 -16.16
CA ILE A 690 6.84 42.13 -15.76
C ILE A 690 6.33 41.60 -14.41
N ALA A 691 6.86 40.45 -13.97
CA ALA A 691 6.51 39.87 -12.67
C ALA A 691 7.70 39.14 -12.06
N THR A 692 8.37 39.78 -11.11
CA THR A 692 9.54 39.18 -10.45
C THR A 692 9.61 39.45 -8.95
N ARG A 693 10.00 38.44 -8.18
CA ARG A 693 10.16 38.57 -6.73
C ARG A 693 11.59 38.25 -6.28
N PHE A 694 11.94 38.74 -5.11
CA PHE A 694 13.25 38.49 -4.51
C PHE A 694 13.09 37.78 -3.18
N ARG A 695 14.10 36.99 -2.82
CA ARG A 695 14.16 36.42 -1.47
C ARG A 695 15.57 36.46 -0.91
N TRP A 696 15.65 36.69 0.40
CA TRP A 696 16.86 36.47 1.15
C TRP A 696 16.59 35.23 1.98
N TRP A 697 17.45 34.21 1.88
CA TRP A 697 17.32 33.06 2.78
C TRP A 697 18.65 32.50 3.25
N GLN A 698 18.67 32.09 4.51
CA GLN A 698 19.85 31.50 5.09
C GLN A 698 19.66 29.98 5.11
N PRO A 699 20.43 29.26 4.27
CA PRO A 699 20.26 27.81 4.12
C PRO A 699 20.58 27.02 5.38
N ARG A 700 21.53 27.50 6.17
CA ARG A 700 21.94 26.82 7.38
C ARG A 700 22.26 27.82 8.48
N HIS A 701 22.01 27.42 9.72
CA HIS A 701 22.48 28.14 10.90
C HIS A 701 22.43 27.19 12.09
N ASP A 702 23.10 27.58 13.17
CA ASP A 702 23.22 26.70 14.33
C ASP A 702 22.10 26.87 15.37
N GLY A 703 21.05 27.60 15.00
CA GLY A 703 19.85 27.69 15.85
C GLY A 703 19.55 29.07 16.40
N LEU A 704 18.69 29.10 17.41
CA LEU A 704 18.24 30.33 18.05
C LEU A 704 19.41 31.23 18.43
N ASP A 705 19.40 32.45 17.91
CA ASP A 705 20.42 33.48 18.18
C ASP A 705 21.82 33.16 17.67
N GLN A 706 21.95 32.15 16.81
CA GLN A 706 23.23 31.78 16.22
C GLN A 706 23.31 32.20 14.75
N ASN A 707 24.45 32.77 14.37
CA ASN A 707 24.77 33.06 12.96
C ASN A 707 23.74 34.00 12.35
N ASP A 708 23.37 35.01 13.14
CA ASP A 708 22.27 35.90 12.84
C ASP A 708 22.66 36.99 11.82
N TRP A 709 21.65 37.58 11.21
CA TRP A 709 21.82 38.64 10.24
C TRP A 709 20.71 39.67 10.30
N ALA A 710 20.99 40.87 9.79
CA ALA A 710 20.00 41.94 9.77
C ALA A 710 20.05 42.68 8.45
N ILE A 711 18.89 43.17 8.02
CA ILE A 711 18.80 43.94 6.80
C ILE A 711 18.11 45.27 7.12
N ASP A 712 18.46 46.31 6.38
CA ASP A 712 17.82 47.60 6.56
C ASP A 712 17.80 48.36 5.24
N ASN A 713 16.88 49.32 5.13
CA ASN A 713 16.74 50.19 3.97
C ASN A 713 16.92 49.49 2.62
N VAL A 714 15.99 48.58 2.34
CA VAL A 714 15.88 47.91 1.04
C VAL A 714 15.30 48.92 0.05
N LEU A 715 15.90 48.96 -1.13
CA LEU A 715 15.35 49.73 -2.24
C LEU A 715 15.56 49.01 -3.56
N ILE A 716 14.45 48.69 -4.22
CA ILE A 716 14.48 48.10 -5.56
C ILE A 716 13.81 49.13 -6.46
N SER A 717 14.61 49.80 -7.29
CA SER A 717 14.13 50.97 -8.04
C SER A 717 15.04 51.33 -9.20
N ARG A 718 14.93 52.57 -9.67
CA ARG A 718 15.78 53.11 -10.71
C ARG A 718 16.27 54.49 -10.33
#